data_4XFJ
#
_entry.id   4XFJ
#
_cell.length_a   93.830
_cell.length_b   143.410
_cell.length_c   58.030
_cell.angle_alpha   90.000
_cell.angle_beta   90.000
_cell.angle_gamma   90.000
#
_symmetry.space_group_name_H-M   'P 21 21 2'
#
loop_
_entity.id
_entity.type
_entity.pdbx_description
1 polymer 'Argininosuccinate synthase'
2 non-polymer 'PHOSPHOAMINOPHOSPHONIC ACID-ADENYLATE ESTER'
3 non-polymer 'MAGNESIUM ION'
4 non-polymer ARGININE
5 non-polymer 1,2-ETHANEDIOL
6 water water
#
_entity_poly.entity_id   1
_entity_poly.type   'polypeptide(L)'
_entity_poly.pdbx_seq_one_letter_code
;MAHHHHHHMSERVILAYSGGLDTSVAISWIGKETGREVVAVAIDLGQGGEDMEVVRQRALDCGAVESIVIDARDEFANDY
CVPAIQSNALYMDRYPLVSALSRPLIVKHLVKAAREHGGTIVAHGCTGKGNDQVRFEVGFASLAPDLEVLAPVRDYAWTR
EKAIAFAEENNIPINVTKRSPFSIDQNVWGRAVETGFLEHLWNAPTKDVYSYTEDPTVNWSTPDEVIVGFEQGVPVSIDG
RSVTPLQAIEELNRRGGEQGVGRLDVVEDRLVGIKSREIYEAPGAMVLITAHTELEHVTLERELGRFKRITDQKWGELVY
DGLWFSPLKTALESFVAKTQEHVTGEIRMVLHGGHIAVNGRRSPKSLYDFNLATYDEGDTFDQSAAKGFVQIHGLSSSIS
ARRDLQGQ
;
_entity_poly.pdbx_strand_id   A,B
#
# COMPACT_ATOMS: atom_id res chain seq x y z
N SER A 10 28.26 -6.50 -40.14
CA SER A 10 29.71 -6.40 -40.17
C SER A 10 30.36 -7.04 -38.94
N GLU A 11 29.62 -7.94 -38.29
CA GLU A 11 30.07 -8.62 -37.08
C GLU A 11 30.52 -7.62 -36.01
N ARG A 12 29.65 -6.69 -35.67
CA ARG A 12 29.92 -5.71 -34.63
C ARG A 12 29.43 -6.18 -33.27
N VAL A 13 30.03 -5.61 -32.23
CA VAL A 13 29.46 -5.65 -30.90
C VAL A 13 28.72 -4.35 -30.68
N ILE A 14 27.47 -4.44 -30.24
CA ILE A 14 26.68 -3.28 -29.88
C ILE A 14 26.65 -3.19 -28.36
N LEU A 15 27.30 -2.17 -27.81
CA LEU A 15 27.40 -1.96 -26.36
C LEU A 15 26.35 -1.01 -25.83
N ALA A 16 25.63 -1.46 -24.79
CA ALA A 16 24.75 -0.55 -24.05
C ALA A 16 25.66 0.36 -23.24
N TYR A 17 25.76 1.61 -23.68
CA TYR A 17 26.81 2.50 -23.20
C TYR A 17 26.28 3.61 -22.31
N SER A 18 26.76 3.65 -21.07
CA SER A 18 26.28 4.65 -20.13
C SER A 18 27.20 5.86 -19.98
N GLY A 19 28.44 5.75 -20.47
CA GLY A 19 29.38 6.86 -20.34
C GLY A 19 30.33 6.78 -19.16
N GLY A 20 30.14 5.78 -18.30
CA GLY A 20 30.95 5.62 -17.11
C GLY A 20 32.29 4.95 -17.41
N LEU A 21 33.11 4.78 -16.38
CA LEU A 21 34.45 4.20 -16.56
CA LEU A 21 34.45 4.21 -16.54
C LEU A 21 34.40 2.79 -17.13
N ASP A 22 33.57 1.94 -16.54
CA ASP A 22 33.56 0.55 -16.93
C ASP A 22 33.11 0.34 -18.36
N THR A 23 31.99 0.94 -18.77
CA THR A 23 31.58 0.71 -20.15
C THR A 23 32.49 1.47 -21.14
N SER A 24 33.13 2.56 -20.72
CA SER A 24 34.05 3.23 -21.63
C SER A 24 35.29 2.40 -21.91
N VAL A 25 35.89 1.84 -20.87
CA VAL A 25 37.01 0.91 -21.02
C VAL A 25 36.58 -0.35 -21.77
N ALA A 26 35.33 -0.76 -21.55
CA ALA A 26 34.85 -1.99 -22.19
C ALA A 26 34.94 -1.91 -23.72
N ILE A 27 34.81 -0.71 -24.28
CA ILE A 27 34.79 -0.55 -25.73
C ILE A 27 36.07 -1.09 -26.35
N SER A 28 37.23 -0.66 -25.87
CA SER A 28 38.47 -1.17 -26.45
C SER A 28 38.81 -2.55 -25.91
N TRP A 29 38.39 -2.85 -24.68
CA TRP A 29 38.63 -4.18 -24.13
C TRP A 29 37.87 -5.25 -24.94
N ILE A 30 36.61 -4.96 -25.26
CA ILE A 30 35.81 -5.86 -26.09
C ILE A 30 36.45 -5.98 -27.49
N GLY A 31 36.96 -4.87 -28.00
CA GLY A 31 37.61 -4.88 -29.30
C GLY A 31 38.81 -5.82 -29.32
N LYS A 32 39.62 -5.78 -28.27
CA LYS A 32 40.79 -6.65 -28.19
C LYS A 32 40.38 -8.10 -27.97
N GLU A 33 39.49 -8.33 -27.02
CA GLU A 33 39.05 -9.68 -26.68
C GLU A 33 38.39 -10.39 -27.85
N THR A 34 37.64 -9.66 -28.66
CA THR A 34 36.85 -10.27 -29.73
C THR A 34 37.40 -10.01 -31.14
N GLY A 35 38.17 -8.94 -31.31
CA GLY A 35 38.65 -8.56 -32.62
C GLY A 35 37.61 -7.82 -33.46
N ARG A 36 36.51 -7.45 -32.82
CA ARG A 36 35.39 -6.82 -33.52
C ARG A 36 35.27 -5.33 -33.22
N GLU A 37 34.66 -4.60 -34.13
CA GLU A 37 34.39 -3.19 -33.93
C GLU A 37 33.21 -3.05 -32.96
N VAL A 38 33.16 -1.93 -32.25
CA VAL A 38 32.14 -1.69 -31.25
C VAL A 38 31.30 -0.46 -31.58
N VAL A 39 29.99 -0.64 -31.58
CA VAL A 39 29.05 0.47 -31.71
C VAL A 39 28.51 0.78 -30.32
N ALA A 40 28.73 2.00 -29.85
CA ALA A 40 28.20 2.40 -28.54
C ALA A 40 26.81 3.01 -28.72
N VAL A 41 25.86 2.57 -27.88
CA VAL A 41 24.49 3.08 -27.91
C VAL A 41 24.09 3.59 -26.53
N ALA A 42 23.85 4.90 -26.43
CA ALA A 42 23.51 5.56 -25.17
C ALA A 42 22.05 6.02 -25.23
N ILE A 43 21.27 5.68 -24.21
CA ILE A 43 19.86 6.06 -24.20
C ILE A 43 19.63 7.21 -23.23
N ASP A 44 19.01 8.29 -23.71
CA ASP A 44 18.58 9.38 -22.84
C ASP A 44 17.21 9.00 -22.24
N LEU A 45 17.22 8.72 -20.95
CA LEU A 45 16.02 8.45 -20.19
C LEU A 45 15.75 9.58 -19.20
N GLY A 46 16.40 10.74 -19.40
CA GLY A 46 16.34 11.84 -18.44
C GLY A 46 17.26 11.70 -17.24
N GLN A 47 18.39 11.01 -17.40
CA GLN A 47 19.35 10.80 -16.31
C GLN A 47 20.11 12.08 -15.97
N GLY A 48 20.03 13.08 -16.86
CA GLY A 48 20.67 14.36 -16.63
C GLY A 48 22.19 14.23 -16.54
N GLY A 49 22.81 15.10 -15.77
CA GLY A 49 24.25 15.12 -15.71
C GLY A 49 24.82 15.61 -17.03
N GLU A 50 25.90 14.98 -17.47
CA GLU A 50 26.54 15.34 -18.72
C GLU A 50 25.59 15.39 -19.90
N ASP A 51 25.82 16.34 -20.79
CA ASP A 51 25.10 16.38 -22.06
C ASP A 51 25.29 15.05 -22.81
N MET A 52 24.25 14.60 -23.47
CA MET A 52 24.33 13.32 -24.16
C MET A 52 25.39 13.35 -25.27
N GLU A 53 25.65 14.51 -25.87
CA GLU A 53 26.68 14.59 -26.91
C GLU A 53 28.07 14.38 -26.31
N VAL A 54 28.27 14.82 -25.08
CA VAL A 54 29.54 14.59 -24.42
C VAL A 54 29.72 13.09 -24.20
N VAL A 55 28.66 12.39 -23.82
CA VAL A 55 28.70 10.93 -23.70
C VAL A 55 28.97 10.26 -25.05
N ARG A 56 28.24 10.68 -26.08
CA ARG A 56 28.43 10.13 -27.41
C ARG A 56 29.88 10.26 -27.87
N GLN A 57 30.44 11.44 -27.67
CA GLN A 57 31.81 11.70 -28.09
C GLN A 57 32.82 10.85 -27.30
N ARG A 58 32.55 10.63 -26.02
CA ARG A 58 33.45 9.85 -25.19
C ARG A 58 33.64 8.45 -25.74
N ALA A 59 32.56 7.85 -26.23
CA ALA A 59 32.65 6.50 -26.76
C ALA A 59 33.56 6.48 -27.99
N LEU A 60 33.43 7.48 -28.85
CA LEU A 60 34.32 7.61 -29.99
C LEU A 60 35.79 7.73 -29.57
N ASP A 61 36.04 8.54 -28.54
CA ASP A 61 37.41 8.80 -28.11
C ASP A 61 37.99 7.56 -27.45
N CYS A 62 37.10 6.71 -26.95
CA CYS A 62 37.50 5.47 -26.31
C CYS A 62 37.48 4.29 -27.28
N GLY A 63 37.30 4.61 -28.56
CA GLY A 63 37.52 3.64 -29.62
C GLY A 63 36.32 3.06 -30.33
N ALA A 64 35.12 3.54 -30.01
CA ALA A 64 33.93 3.06 -30.73
C ALA A 64 33.95 3.50 -32.19
N VAL A 65 33.61 2.59 -33.10
CA VAL A 65 33.59 2.90 -34.53
C VAL A 65 32.39 3.78 -34.85
N GLU A 66 31.33 3.62 -34.07
CA GLU A 66 30.11 4.41 -34.21
C GLU A 66 29.58 4.65 -32.81
N SER A 67 28.97 5.81 -32.62
CA SER A 67 28.43 6.12 -31.29
C SER A 67 27.13 6.89 -31.48
N ILE A 68 26.05 6.36 -30.92
CA ILE A 68 24.76 6.98 -31.14
C ILE A 68 24.05 7.27 -29.83
N VAL A 69 23.26 8.33 -29.85
CA VAL A 69 22.38 8.67 -28.74
C VAL A 69 20.95 8.52 -29.19
N ILE A 70 20.17 7.82 -28.39
CA ILE A 70 18.74 7.69 -28.61
CA ILE A 70 18.74 7.71 -28.62
C ILE A 70 18.02 8.50 -27.55
N ASP A 71 17.25 9.48 -27.98
CA ASP A 71 16.41 10.24 -27.06
C ASP A 71 15.12 9.48 -26.88
N ALA A 72 15.00 8.76 -25.78
CA ALA A 72 13.86 7.90 -25.55
C ALA A 72 13.01 8.38 -24.39
N ARG A 73 13.12 9.66 -24.02
CA ARG A 73 12.40 10.14 -22.84
C ARG A 73 10.88 10.02 -22.96
N ASP A 74 10.33 10.46 -24.09
CA ASP A 74 8.88 10.36 -24.27
C ASP A 74 8.43 8.91 -24.38
N GLU A 75 9.20 8.12 -25.13
CA GLU A 75 8.91 6.70 -25.25
C GLU A 75 8.92 5.99 -23.89
N PHE A 76 9.90 6.32 -23.06
CA PHE A 76 9.97 5.78 -21.70
C PHE A 76 8.74 6.14 -20.88
N ALA A 77 8.34 7.41 -20.91
CA ALA A 77 7.15 7.86 -20.22
C ALA A 77 5.90 7.18 -20.75
N ASN A 78 5.75 7.14 -22.07
CA ASN A 78 4.49 6.70 -22.69
C ASN A 78 4.27 5.22 -22.61
N ASP A 79 5.36 4.46 -22.81
CA ASP A 79 5.25 3.02 -23.03
C ASP A 79 5.74 2.17 -21.87
N TYR A 80 6.38 2.80 -20.88
CA TYR A 80 6.92 2.04 -19.74
C TYR A 80 6.39 2.63 -18.44
N CYS A 81 6.51 3.94 -18.25
CA CYS A 81 5.97 4.54 -17.03
C CYS A 81 4.43 4.51 -16.98
N VAL A 82 3.77 4.79 -18.08
CA VAL A 82 2.31 4.79 -18.03
C VAL A 82 1.76 3.36 -17.73
N PRO A 83 2.30 2.30 -18.37
CA PRO A 83 1.88 0.98 -17.90
C PRO A 83 2.12 0.73 -16.41
N ALA A 84 3.22 1.24 -15.87
CA ALA A 84 3.47 1.03 -14.44
C ALA A 84 2.40 1.77 -13.61
N ILE A 85 2.04 2.97 -14.05
CA ILE A 85 0.96 3.69 -13.37
C ILE A 85 -0.35 2.91 -13.43
N GLN A 86 -0.64 2.32 -14.59
CA GLN A 86 -1.93 1.67 -14.76
C GLN A 86 -2.03 0.39 -13.95
N SER A 87 -0.89 -0.23 -13.60
CA SER A 87 -0.91 -1.36 -12.69
C SER A 87 -0.50 -0.95 -11.27
N ASN A 88 -0.54 0.35 -10.97
CA ASN A 88 -0.19 0.88 -9.65
C ASN A 88 1.09 0.26 -9.11
N ALA A 89 2.13 0.16 -9.96
CA ALA A 89 3.20 -0.78 -9.66
C ALA A 89 4.08 -0.34 -8.49
N LEU A 90 4.03 -1.12 -7.40
CA LEU A 90 4.81 -0.86 -6.22
C LEU A 90 5.35 -2.17 -5.74
N TYR A 91 6.63 -2.40 -6.01
CA TYR A 91 7.25 -3.67 -5.63
C TYR A 91 7.41 -3.68 -4.10
N MET A 92 7.07 -4.82 -3.49
CA MET A 92 7.08 -4.88 -2.01
CA MET A 92 6.79 -5.07 -2.07
C MET A 92 5.99 -3.94 -1.44
N ASP A 93 5.09 -3.42 -2.26
CA ASP A 93 4.16 -2.39 -1.86
C ASP A 93 4.93 -1.14 -1.45
N ARG A 94 6.11 -0.95 -2.03
CA ARG A 94 6.95 0.19 -1.64
C ARG A 94 7.56 1.00 -2.77
N TYR A 95 8.06 0.27 -3.80
N TYR A 95 8.17 0.41 -3.77
CA TYR A 95 9.05 0.70 -4.84
CA TYR A 95 8.74 1.39 -4.64
C TYR A 95 8.45 0.79 -6.26
C TYR A 95 8.52 0.99 -6.07
N PRO A 96 8.35 2.01 -6.89
CA PRO A 96 7.73 1.99 -8.22
C PRO A 96 8.68 1.59 -9.35
N LEU A 97 9.53 0.59 -9.10
CA LEU A 97 10.32 -0.03 -10.16
C LEU A 97 11.26 0.92 -10.91
N VAL A 98 11.84 1.88 -10.20
CA VAL A 98 12.63 2.94 -10.84
C VAL A 98 13.64 2.47 -11.96
N SER A 99 14.54 1.59 -11.56
CA SER A 99 15.56 1.02 -12.44
C SER A 99 15.04 -0.13 -13.30
N ALA A 100 14.00 -0.78 -12.84
CA ALA A 100 13.50 -1.94 -13.53
C ALA A 100 12.82 -1.57 -14.82
N LEU A 101 12.10 -0.45 -14.82
CA LEU A 101 11.27 -0.09 -15.97
C LEU A 101 12.08 0.25 -17.20
N SER A 102 13.25 0.82 -17.03
CA SER A 102 14.01 1.29 -18.17
C SER A 102 14.72 0.15 -18.90
N ARG A 103 14.94 -0.98 -18.22
CA ARG A 103 15.78 -2.02 -18.83
C ARG A 103 15.18 -2.62 -20.12
N PRO A 104 13.88 -2.97 -20.14
CA PRO A 104 13.37 -3.50 -21.41
C PRO A 104 13.43 -2.47 -22.54
N LEU A 105 13.34 -1.17 -22.23
CA LEU A 105 13.43 -0.16 -23.26
C LEU A 105 14.86 -0.09 -23.82
N ILE A 106 15.84 -0.12 -22.93
CA ILE A 106 17.23 -0.18 -23.38
C ILE A 106 17.48 -1.42 -24.23
N VAL A 107 16.99 -2.58 -23.79
CA VAL A 107 17.09 -3.81 -24.58
C VAL A 107 16.51 -3.62 -25.99
N LYS A 108 15.29 -3.09 -26.07
CA LYS A 108 14.64 -2.83 -27.36
C LYS A 108 15.53 -2.02 -28.28
N HIS A 109 16.10 -0.94 -27.77
CA HIS A 109 16.91 -0.09 -28.63
C HIS A 109 18.25 -0.71 -28.98
N LEU A 110 18.79 -1.54 -28.11
CA LEU A 110 20.05 -2.20 -28.42
CA LEU A 110 20.04 -2.23 -28.40
C LEU A 110 19.87 -3.24 -29.53
N VAL A 111 18.77 -3.97 -29.49
CA VAL A 111 18.46 -4.90 -30.58
C VAL A 111 18.25 -4.16 -31.89
N LYS A 112 17.50 -3.07 -31.84
CA LYS A 112 17.28 -2.26 -33.05
C LYS A 112 18.61 -1.78 -33.63
N ALA A 113 19.50 -1.30 -32.76
CA ALA A 113 20.81 -0.83 -33.19
C ALA A 113 21.61 -1.97 -33.82
N ALA A 114 21.48 -3.17 -33.27
CA ALA A 114 22.18 -4.34 -33.82
C ALA A 114 21.71 -4.65 -35.23
N ARG A 115 20.40 -4.55 -35.46
CA ARG A 115 19.90 -4.80 -36.81
C ARG A 115 20.43 -3.75 -37.77
N GLU A 116 20.50 -2.51 -37.32
CA GLU A 116 20.95 -1.40 -38.16
C GLU A 116 22.45 -1.39 -38.42
N HIS A 117 23.24 -1.77 -37.42
CA HIS A 117 24.69 -1.59 -37.52
C HIS A 117 25.49 -2.89 -37.66
N GLY A 118 24.83 -3.98 -38.08
CA GLY A 118 25.50 -5.25 -38.31
C GLY A 118 26.05 -5.91 -37.07
N GLY A 119 25.39 -5.70 -35.95
CA GLY A 119 25.79 -6.31 -34.69
C GLY A 119 25.34 -7.75 -34.60
N THR A 120 26.23 -8.61 -34.11
CA THR A 120 25.90 -10.01 -33.86
C THR A 120 26.03 -10.32 -32.38
N ILE A 121 26.55 -9.35 -31.65
CA ILE A 121 26.78 -9.46 -30.22
C ILE A 121 26.30 -8.17 -29.59
N VAL A 122 25.65 -8.28 -28.44
CA VAL A 122 25.32 -7.10 -27.64
C VAL A 122 26.01 -7.27 -26.30
N ALA A 123 26.30 -6.15 -25.66
CA ALA A 123 27.06 -6.19 -24.41
C ALA A 123 26.47 -5.20 -23.42
N HIS A 124 26.58 -5.54 -22.14
CA HIS A 124 26.11 -4.67 -21.09
C HIS A 124 27.09 -4.74 -19.93
N GLY A 125 27.06 -3.75 -19.05
CA GLY A 125 28.00 -3.71 -17.94
C GLY A 125 27.41 -4.09 -16.58
N CYS A 126 26.36 -4.90 -16.57
CA CYS A 126 25.76 -5.30 -15.29
C CYS A 126 26.63 -6.24 -14.48
N THR A 127 26.48 -6.20 -13.15
CA THR A 127 27.20 -7.12 -12.28
C THR A 127 26.42 -8.40 -12.08
N GLY A 128 27.06 -9.36 -11.44
CA GLY A 128 26.48 -10.67 -11.27
C GLY A 128 25.65 -10.86 -10.02
N LYS A 129 25.51 -9.82 -9.18
CA LYS A 129 24.67 -10.04 -8.02
C LYS A 129 23.43 -9.12 -8.01
N GLY A 130 23.15 -8.48 -9.14
CA GLY A 130 21.95 -7.65 -9.25
C GLY A 130 20.78 -8.22 -10.03
N ASN A 131 19.71 -7.45 -10.09
CA ASN A 131 18.56 -7.79 -10.92
C ASN A 131 18.76 -7.35 -12.37
N ASP A 132 19.60 -6.34 -12.59
CA ASP A 132 19.63 -5.76 -13.94
C ASP A 132 20.17 -6.73 -14.98
N GLN A 133 21.14 -7.57 -14.60
CA GLN A 133 21.59 -8.61 -15.53
C GLN A 133 20.42 -9.48 -16.02
N VAL A 134 19.46 -9.74 -15.14
CA VAL A 134 18.34 -10.60 -15.49
C VAL A 134 17.46 -9.87 -16.50
N ARG A 135 17.19 -8.61 -16.20
CA ARG A 135 16.28 -7.83 -17.04
C ARG A 135 16.87 -7.68 -18.45
N PHE A 136 18.17 -7.39 -18.52
CA PHE A 136 18.85 -7.30 -19.82
C PHE A 136 18.88 -8.64 -20.53
N GLU A 137 19.34 -9.69 -19.86
CA GLU A 137 19.59 -10.93 -20.60
C GLU A 137 18.32 -11.73 -20.93
N VAL A 138 17.30 -11.69 -20.07
CA VAL A 138 16.05 -12.33 -20.42
C VAL A 138 15.42 -11.56 -21.58
N GLY A 139 15.57 -10.23 -21.55
CA GLY A 139 15.08 -9.40 -22.64
C GLY A 139 15.73 -9.74 -23.96
N PHE A 140 17.06 -9.85 -23.97
CA PHE A 140 17.76 -10.18 -25.20
C PHE A 140 17.35 -11.57 -25.70
N ALA A 141 17.20 -12.50 -24.77
CA ALA A 141 16.85 -13.86 -25.13
C ALA A 141 15.45 -13.94 -25.73
N SER A 142 14.56 -13.03 -25.34
CA SER A 142 13.21 -12.96 -25.91
C SER A 142 13.13 -12.19 -27.22
N LEU A 143 13.85 -11.08 -27.30
CA LEU A 143 13.76 -10.26 -28.50
C LEU A 143 14.71 -10.68 -29.61
N ALA A 144 15.85 -11.28 -29.24
CA ALA A 144 16.87 -11.55 -30.24
C ALA A 144 17.84 -12.64 -29.80
N PRO A 145 17.38 -13.90 -29.73
CA PRO A 145 18.20 -15.04 -29.24
C PRO A 145 19.41 -15.33 -30.12
N ASP A 146 19.38 -14.84 -31.35
CA ASP A 146 20.51 -15.00 -32.26
C ASP A 146 21.72 -14.17 -31.84
N LEU A 147 21.49 -13.14 -31.02
CA LEU A 147 22.59 -12.29 -30.61
C LEU A 147 23.33 -12.91 -29.46
N GLU A 148 24.66 -12.98 -29.56
CA GLU A 148 25.47 -13.35 -28.43
C GLU A 148 25.37 -12.21 -27.42
N VAL A 149 25.31 -12.52 -26.13
CA VAL A 149 25.30 -11.47 -25.12
C VAL A 149 26.58 -11.55 -24.34
N LEU A 150 27.28 -10.42 -24.28
CA LEU A 150 28.54 -10.33 -23.59
C LEU A 150 28.35 -9.53 -22.30
N ALA A 151 28.82 -10.07 -21.19
CA ALA A 151 28.71 -9.41 -19.90
C ALA A 151 30.11 -9.28 -19.31
N PRO A 152 30.88 -8.31 -19.80
CA PRO A 152 32.31 -8.30 -19.44
C PRO A 152 32.53 -8.09 -17.96
N VAL A 153 31.66 -7.29 -17.34
CA VAL A 153 31.83 -6.97 -15.94
C VAL A 153 31.49 -8.16 -15.04
N ARG A 154 30.64 -9.08 -15.52
CA ARG A 154 30.30 -10.27 -14.74
C ARG A 154 31.19 -11.48 -15.09
N ASP A 155 31.44 -11.69 -16.37
CA ASP A 155 31.99 -12.97 -16.84
C ASP A 155 33.48 -12.98 -17.12
N TYR A 156 34.14 -11.84 -16.96
CA TYR A 156 35.55 -11.78 -17.36
C TYR A 156 36.53 -11.24 -16.32
N ALA A 157 36.41 -11.70 -15.08
CA ALA A 157 37.39 -11.41 -14.03
C ALA A 157 37.65 -9.91 -13.93
N TRP A 158 36.59 -9.15 -14.09
CA TRP A 158 36.67 -7.71 -14.20
C TRP A 158 36.72 -7.02 -12.84
N THR A 159 37.66 -6.11 -12.67
CA THR A 159 37.75 -5.28 -11.47
C THR A 159 38.03 -3.85 -11.89
N ARG A 160 37.72 -2.88 -11.03
CA ARG A 160 38.02 -1.49 -11.35
C ARG A 160 39.52 -1.32 -11.62
N GLU A 161 40.35 -1.99 -10.83
CA GLU A 161 41.80 -1.86 -10.97
C GLU A 161 42.26 -2.41 -12.31
N LYS A 162 41.68 -3.54 -12.71
CA LYS A 162 42.01 -4.13 -13.99
C LYS A 162 41.59 -3.23 -15.14
N ALA A 163 40.40 -2.64 -15.00
CA ALA A 163 39.88 -1.72 -16.01
C ALA A 163 40.77 -0.49 -16.11
N ILE A 164 41.17 0.04 -14.95
CA ILE A 164 42.07 1.18 -14.91
C ILE A 164 43.45 0.82 -15.47
N ALA A 165 43.98 -0.35 -15.09
CA ALA A 165 45.26 -0.77 -15.64
C ALA A 165 45.17 -0.94 -17.16
N PHE A 166 44.06 -1.50 -17.64
CA PHE A 166 43.87 -1.61 -19.08
C PHE A 166 43.83 -0.24 -19.77
N ALA A 167 43.10 0.70 -19.16
CA ALA A 167 43.01 2.05 -19.68
C ALA A 167 44.38 2.72 -19.73
N GLU A 168 45.20 2.48 -18.71
CA GLU A 168 46.53 3.09 -18.66
C GLU A 168 47.43 2.53 -19.74
N GLU A 169 47.39 1.20 -19.89
CA GLU A 169 48.23 0.52 -20.85
C GLU A 169 47.88 0.93 -22.26
N ASN A 170 46.61 1.23 -22.50
CA ASN A 170 46.14 1.54 -23.83
C ASN A 170 45.79 3.02 -24.02
N ASN A 171 46.23 3.87 -23.09
CA ASN A 171 46.01 5.32 -23.13
C ASN A 171 44.58 5.71 -23.45
N ILE A 172 43.62 5.01 -22.85
CA ILE A 172 42.21 5.34 -23.01
C ILE A 172 41.93 6.63 -22.25
N PRO A 173 41.36 7.63 -22.95
CA PRO A 173 41.13 8.92 -22.30
C PRO A 173 39.86 8.91 -21.46
N ILE A 174 40.03 8.64 -20.18
CA ILE A 174 38.87 8.40 -19.34
C ILE A 174 39.21 8.90 -17.94
N ASN A 175 38.19 9.45 -17.28
CA ASN A 175 38.33 9.96 -15.93
C ASN A 175 38.42 8.81 -14.95
N VAL A 176 39.56 8.68 -14.26
CA VAL A 176 39.74 7.57 -13.31
C VAL A 176 39.85 8.07 -11.87
N THR A 177 39.45 9.31 -11.65
CA THR A 177 39.43 9.87 -10.31
C THR A 177 38.39 9.18 -9.43
N SER A 180 33.19 10.26 -4.84
CA SER A 180 31.92 10.08 -4.15
C SER A 180 31.58 8.60 -3.97
N PRO A 181 31.23 8.21 -2.73
CA PRO A 181 30.93 6.81 -2.39
C PRO A 181 29.49 6.41 -2.68
N PHE A 182 28.80 7.19 -3.51
CA PHE A 182 27.42 6.88 -3.86
C PHE A 182 27.32 6.13 -5.18
N SER A 183 26.51 5.08 -5.20
CA SER A 183 26.20 4.37 -6.43
C SER A 183 24.80 4.78 -6.88
N ILE A 184 24.74 5.66 -7.89
CA ILE A 184 23.51 6.32 -8.31
C ILE A 184 22.96 5.80 -9.63
N ASP A 185 21.66 5.56 -9.68
CA ASP A 185 20.99 5.33 -10.95
C ASP A 185 19.76 6.22 -11.02
N GLN A 186 19.69 7.12 -12.00
CA GLN A 186 18.55 8.02 -12.06
C GLN A 186 18.01 8.18 -13.48
N ASN A 187 16.70 8.43 -13.59
CA ASN A 187 16.11 8.80 -14.87
C ASN A 187 14.89 9.66 -14.55
N VAL A 188 14.04 9.96 -15.53
CA VAL A 188 12.93 10.84 -15.23
C VAL A 188 11.93 10.20 -14.26
N TRP A 189 11.94 8.87 -14.15
CA TRP A 189 10.96 8.19 -13.30
C TRP A 189 11.37 8.12 -11.82
N GLY A 190 12.66 8.24 -11.55
CA GLY A 190 13.11 8.24 -10.17
C GLY A 190 14.62 8.07 -10.08
N ARG A 191 15.07 7.94 -8.84
CA ARG A 191 16.49 7.91 -8.57
C ARG A 191 16.73 6.85 -7.52
N ALA A 192 17.78 6.07 -7.71
CA ALA A 192 18.11 5.02 -6.76
C ALA A 192 19.52 5.25 -6.26
N VAL A 193 19.73 5.09 -4.95
CA VAL A 193 21.03 5.32 -4.34
C VAL A 193 21.48 4.16 -3.46
N GLU A 194 22.66 3.64 -3.77
CA GLU A 194 23.33 2.64 -2.95
C GLU A 194 24.60 3.25 -2.36
N THR A 195 24.83 3.03 -1.08
CA THR A 195 26.09 3.46 -0.52
C THR A 195 26.49 2.46 0.55
N GLY A 196 27.79 2.31 0.79
CA GLY A 196 28.26 1.35 1.77
C GLY A 196 27.65 1.55 3.16
N PHE A 197 27.56 2.80 3.57
CA PHE A 197 27.03 3.14 4.90
C PHE A 197 25.61 2.61 5.09
N LEU A 198 24.84 2.59 4.02
CA LEU A 198 23.43 2.22 4.16
C LEU A 198 23.22 0.71 4.01
N GLU A 199 24.31 -0.04 3.82
CA GLU A 199 24.21 -1.51 3.84
C GLU A 199 24.01 -2.00 5.27
N HIS A 200 24.15 -1.11 6.24
CA HIS A 200 23.84 -1.48 7.62
C HIS A 200 22.44 -0.98 7.95
N LEU A 201 21.53 -1.88 8.33
CA LEU A 201 20.12 -1.50 8.41
C LEU A 201 19.79 -0.56 9.55
N TRP A 202 20.67 -0.41 10.54
CA TRP A 202 20.40 0.55 11.59
C TRP A 202 20.95 1.94 11.28
N ASN A 203 21.59 2.09 10.13
CA ASN A 203 22.05 3.41 9.70
C ASN A 203 20.97 4.14 8.91
N ALA A 204 20.65 5.36 9.33
CA ALA A 204 19.70 6.20 8.61
C ALA A 204 20.41 6.95 7.49
N PRO A 205 19.71 7.25 6.39
CA PRO A 205 20.31 8.09 5.35
C PRO A 205 20.51 9.52 5.84
N THR A 206 21.53 10.16 5.28
CA THR A 206 21.84 11.56 5.56
C THR A 206 21.37 12.43 4.40
N LYS A 207 21.34 13.74 4.59
CA LYS A 207 20.87 14.63 3.53
C LYS A 207 21.65 14.49 2.24
N ASP A 208 22.90 14.04 2.33
CA ASP A 208 23.76 13.93 1.15
C ASP A 208 23.34 12.87 0.14
N VAL A 209 22.44 11.97 0.52
CA VAL A 209 21.96 10.90 -0.34
CA VAL A 209 22.05 10.94 -0.42
C VAL A 209 20.94 11.42 -1.35
N TYR A 210 20.33 12.57 -1.04
CA TYR A 210 19.18 13.06 -1.81
C TYR A 210 19.51 14.12 -2.84
N SER A 211 18.76 14.12 -3.94
CA SER A 211 18.94 15.07 -5.01
CA SER A 211 18.92 15.16 -4.94
C SER A 211 17.62 15.50 -5.67
N TYR A 212 16.77 14.52 -5.97
CA TYR A 212 15.48 14.81 -6.60
C TYR A 212 14.50 15.54 -5.69
N THR A 213 14.68 15.41 -4.38
CA THR A 213 13.69 15.92 -3.42
C THR A 213 14.34 16.79 -2.35
N GLU A 214 13.56 17.77 -1.87
CA GLU A 214 14.00 18.64 -0.78
C GLU A 214 13.66 17.96 0.52
N ASP A 215 14.28 18.39 1.61
CA ASP A 215 13.91 17.84 2.90
C ASP A 215 12.43 18.13 3.20
N PRO A 216 11.70 17.13 3.69
CA PRO A 216 10.26 17.24 3.94
C PRO A 216 9.90 18.31 4.98
N THR A 217 10.89 18.88 5.64
CA THR A 217 10.57 19.93 6.60
C THR A 217 10.50 21.35 6.01
N VAL A 218 10.93 21.55 4.77
CA VAL A 218 11.09 22.92 4.26
C VAL A 218 9.83 23.81 4.26
N ASN A 219 8.81 23.39 3.51
CA ASN A 219 7.71 24.27 3.15
C ASN A 219 6.56 24.30 4.16
N TRP A 220 6.85 24.67 5.40
CA TRP A 220 5.85 24.59 6.49
C TRP A 220 4.49 25.23 6.16
N SER A 221 4.49 26.49 5.73
CA SER A 221 3.21 27.16 5.47
C SER A 221 2.85 27.25 3.99
N THR A 222 3.57 26.52 3.15
CA THR A 222 3.28 26.54 1.71
C THR A 222 3.14 25.12 1.12
N PRO A 223 2.13 24.37 1.57
CA PRO A 223 1.75 23.11 0.95
C PRO A 223 1.35 23.34 -0.51
N ASP A 224 1.37 22.28 -1.30
CA ASP A 224 1.02 22.38 -2.70
C ASP A 224 -0.15 21.47 -2.99
N GLU A 225 -1.32 22.05 -3.23
CA GLU A 225 -2.48 21.28 -3.67
C GLU A 225 -2.48 21.17 -5.18
N VAL A 226 -2.55 19.94 -5.67
CA VAL A 226 -2.45 19.67 -7.09
C VAL A 226 -3.62 18.79 -7.51
N ILE A 227 -4.14 19.03 -8.72
CA ILE A 227 -5.18 18.19 -9.32
C ILE A 227 -4.56 17.46 -10.50
N VAL A 228 -4.64 16.14 -10.49
CA VAL A 228 -4.09 15.36 -11.59
C VAL A 228 -5.24 14.68 -12.30
N GLY A 229 -5.31 14.91 -13.61
CA GLY A 229 -6.37 14.33 -14.42
C GLY A 229 -5.88 13.18 -15.27
N PHE A 230 -6.74 12.17 -15.38
CA PHE A 230 -6.48 10.98 -16.20
C PHE A 230 -7.56 10.77 -17.24
N GLU A 231 -7.18 10.21 -18.39
CA GLU A 231 -8.13 9.80 -19.40
C GLU A 231 -7.79 8.36 -19.74
N GLN A 232 -8.71 7.45 -19.47
CA GLN A 232 -8.50 6.02 -19.68
C GLN A 232 -7.18 5.56 -19.07
N GLY A 233 -6.94 5.99 -17.84
CA GLY A 233 -5.77 5.53 -17.12
C GLY A 233 -4.48 6.26 -17.40
N VAL A 234 -4.49 7.21 -18.33
CA VAL A 234 -3.28 7.93 -18.73
C VAL A 234 -3.30 9.32 -18.11
N PRO A 235 -2.22 9.75 -17.46
CA PRO A 235 -2.26 11.13 -16.95
C PRO A 235 -2.25 12.14 -18.11
N VAL A 236 -3.22 13.05 -18.11
CA VAL A 236 -3.37 13.98 -19.22
C VAL A 236 -3.49 15.44 -18.79
N SER A 237 -3.64 15.72 -17.49
CA SER A 237 -3.73 17.12 -17.09
C SER A 237 -3.22 17.32 -15.68
N ILE A 238 -2.72 18.53 -15.43
CA ILE A 238 -2.37 18.97 -14.09
C ILE A 238 -2.98 20.34 -13.90
N ASP A 239 -3.80 20.48 -12.87
CA ASP A 239 -4.46 21.76 -12.57
C ASP A 239 -5.13 22.33 -13.81
N GLY A 240 -5.75 21.43 -14.56
CA GLY A 240 -6.54 21.81 -15.73
C GLY A 240 -5.72 22.00 -16.99
N ARG A 241 -4.41 22.02 -16.87
CA ARG A 241 -3.53 22.17 -18.02
C ARG A 241 -3.24 20.84 -18.69
N SER A 242 -3.46 20.73 -19.99
CA SER A 242 -3.09 19.48 -20.68
C SER A 242 -1.58 19.27 -20.68
N VAL A 243 -1.19 18.01 -20.51
CA VAL A 243 0.21 17.63 -20.50
C VAL A 243 0.37 16.27 -21.17
N THR A 244 1.56 16.05 -21.71
CA THR A 244 1.99 14.72 -22.14
C THR A 244 2.38 13.90 -20.91
N PRO A 245 2.48 12.56 -21.07
CA PRO A 245 2.88 11.81 -19.87
C PRO A 245 4.26 12.23 -19.33
N LEU A 246 5.21 12.51 -20.20
CA LEU A 246 6.53 12.95 -19.76
C LEU A 246 6.42 14.26 -18.98
N GLN A 247 5.61 15.20 -19.49
CA GLN A 247 5.41 16.48 -18.82
C GLN A 247 4.76 16.29 -17.45
N ALA A 248 3.82 15.36 -17.36
CA ALA A 248 3.15 15.09 -16.10
C ALA A 248 4.19 14.62 -15.07
N ILE A 249 5.01 13.66 -15.48
CA ILE A 249 6.03 13.13 -14.59
C ILE A 249 7.00 14.23 -14.16
N GLU A 250 7.44 15.04 -15.10
CA GLU A 250 8.42 16.09 -14.78
C GLU A 250 7.82 17.13 -13.85
N GLU A 251 6.58 17.54 -14.12
CA GLU A 251 5.96 18.57 -13.27
C GLU A 251 5.74 18.04 -11.86
N LEU A 252 5.26 16.81 -11.75
CA LEU A 252 5.04 16.25 -10.42
C LEU A 252 6.36 15.90 -9.72
N ASN A 253 7.41 15.58 -10.48
CA ASN A 253 8.73 15.44 -9.85
C ASN A 253 9.12 16.72 -9.18
N ARG A 254 8.90 17.83 -9.88
CA ARG A 254 9.28 19.12 -9.33
CA ARG A 254 9.27 19.13 -9.33
C ARG A 254 8.42 19.48 -8.13
N ARG A 255 7.10 19.40 -8.30
CA ARG A 255 6.18 19.84 -7.24
C ARG A 255 6.22 18.89 -6.05
N GLY A 256 6.23 17.60 -6.31
CA GLY A 256 6.40 16.63 -5.23
C GLY A 256 7.78 16.77 -4.57
N GLY A 257 8.81 16.93 -5.38
CA GLY A 257 10.17 17.01 -4.85
C GLY A 257 10.34 18.22 -3.93
N GLU A 258 9.67 19.32 -4.25
CA GLU A 258 9.79 20.51 -3.43
C GLU A 258 9.16 20.29 -2.05
N GLN A 259 8.31 19.29 -1.94
CA GLN A 259 7.64 18.98 -0.68
C GLN A 259 8.20 17.72 -0.03
N GLY A 260 9.31 17.22 -0.55
CA GLY A 260 9.96 16.06 0.02
C GLY A 260 9.22 14.77 -0.22
N VAL A 261 8.27 14.77 -1.15
CA VAL A 261 7.48 13.59 -1.46
C VAL A 261 8.26 12.52 -2.21
N GLY A 262 7.96 11.25 -1.93
CA GLY A 262 8.56 10.16 -2.67
C GLY A 262 9.94 9.73 -2.20
N ARG A 263 10.27 10.03 -0.95
CA ARG A 263 11.51 9.50 -0.36
C ARG A 263 11.22 8.13 0.20
N LEU A 264 11.92 7.12 -0.34
CA LEU A 264 11.67 5.73 0.02
C LEU A 264 12.95 5.11 0.55
N ASP A 265 12.80 4.19 1.48
CA ASP A 265 13.91 3.52 2.14
C ASP A 265 13.41 2.11 2.34
N VAL A 266 13.92 1.20 1.53
CA VAL A 266 13.30 -0.10 1.35
C VAL A 266 14.27 -1.24 1.57
N VAL A 267 13.81 -2.29 2.28
CA VAL A 267 14.52 -3.55 2.27
C VAL A 267 13.76 -4.46 1.33
N GLU A 268 14.40 -4.84 0.21
CA GLU A 268 13.68 -5.56 -0.82
C GLU A 268 14.29 -6.91 -1.13
N ASP A 269 13.45 -7.79 -1.68
CA ASP A 269 13.90 -9.12 -2.06
C ASP A 269 14.35 -9.12 -3.50
N ARG A 270 15.64 -9.30 -3.74
CA ARG A 270 16.12 -9.40 -5.11
C ARG A 270 15.71 -10.74 -5.68
N LEU A 271 15.53 -10.82 -6.98
CA LEU A 271 15.17 -12.11 -7.55
C LEU A 271 16.29 -13.12 -7.34
N VAL A 272 17.54 -12.65 -7.25
CA VAL A 272 18.69 -13.54 -7.11
C VAL A 272 18.93 -14.02 -5.67
N GLY A 273 17.94 -13.88 -4.80
CA GLY A 273 17.91 -14.68 -3.59
C GLY A 273 18.24 -13.96 -2.30
N ILE A 274 18.66 -12.72 -2.41
CA ILE A 274 19.10 -11.95 -1.24
C ILE A 274 18.26 -10.72 -1.02
N LYS A 275 18.26 -10.26 0.23
CA LYS A 275 17.68 -8.97 0.56
C LYS A 275 18.73 -7.90 0.43
N SER A 276 18.30 -6.70 0.04
CA SER A 276 19.22 -5.57 0.02
C SER A 276 18.45 -4.31 0.41
N ARG A 277 19.19 -3.31 0.89
CA ARG A 277 18.60 -2.06 1.34
C ARG A 277 18.91 -0.99 0.32
N GLU A 278 17.91 -0.24 -0.11
CA GLU A 278 18.13 0.81 -1.08
C GLU A 278 17.34 2.05 -0.75
N ILE A 279 17.86 3.20 -1.19
CA ILE A 279 17.15 4.46 -1.07
C ILE A 279 16.62 4.85 -2.44
N TYR A 280 15.38 5.32 -2.48
CA TYR A 280 14.81 5.82 -3.74
C TYR A 280 14.22 7.20 -3.55
N GLU A 281 14.27 8.00 -4.63
CA GLU A 281 13.49 9.22 -4.71
C GLU A 281 12.59 9.10 -5.92
N ALA A 282 11.28 9.14 -5.72
CA ALA A 282 10.37 9.00 -6.85
C ALA A 282 9.12 9.87 -6.65
N PRO A 283 9.33 11.19 -6.53
CA PRO A 283 8.19 12.06 -6.23
C PRO A 283 7.06 12.02 -7.26
N GLY A 284 7.35 12.24 -8.54
CA GLY A 284 6.30 12.22 -9.55
C GLY A 284 5.64 10.87 -9.65
N ALA A 285 6.44 9.82 -9.65
CA ALA A 285 5.90 8.45 -9.73
C ALA A 285 4.92 8.16 -8.60
N MET A 286 5.29 8.55 -7.38
CA MET A 286 4.42 8.25 -6.26
C MET A 286 3.14 9.07 -6.32
N VAL A 287 3.24 10.32 -6.75
CA VAL A 287 2.02 11.11 -6.91
C VAL A 287 1.11 10.48 -7.97
N LEU A 288 1.69 10.09 -9.10
CA LEU A 288 0.88 9.52 -10.16
C LEU A 288 0.25 8.18 -9.78
N ILE A 289 1.02 7.31 -9.13
CA ILE A 289 0.45 6.02 -8.75
C ILE A 289 -0.60 6.19 -7.66
N THR A 290 -0.36 7.09 -6.69
CA THR A 290 -1.35 7.31 -5.65
C THR A 290 -2.64 7.85 -6.27
N ALA A 291 -2.52 8.87 -7.13
CA ALA A 291 -3.71 9.44 -7.77
C ALA A 291 -4.46 8.41 -8.61
N HIS A 292 -3.71 7.60 -9.35
CA HIS A 292 -4.34 6.63 -10.22
C HIS A 292 -5.12 5.61 -9.40
N THR A 293 -4.54 5.19 -8.27
CA THR A 293 -5.22 4.27 -7.36
C THR A 293 -6.52 4.88 -6.84
N GLU A 294 -6.44 6.12 -6.37
CA GLU A 294 -7.66 6.81 -5.90
C GLU A 294 -8.73 6.89 -6.99
N LEU A 295 -8.32 7.12 -8.23
CA LEU A 295 -9.29 7.25 -9.29
C LEU A 295 -9.94 5.88 -9.57
N GLU A 296 -9.16 4.79 -9.47
CA GLU A 296 -9.76 3.45 -9.63
C GLU A 296 -10.79 3.19 -8.54
N HIS A 297 -10.57 3.69 -7.32
CA HIS A 297 -11.56 3.48 -6.26
C HIS A 297 -12.88 4.16 -6.59
N VAL A 298 -12.84 5.21 -7.41
CA VAL A 298 -14.04 5.91 -7.82
C VAL A 298 -14.68 5.27 -9.05
N THR A 299 -13.88 4.63 -9.91
CA THR A 299 -14.38 4.27 -11.24
C THR A 299 -14.45 2.76 -11.49
N LEU A 300 -13.86 1.94 -10.62
CA LEU A 300 -13.92 0.48 -10.81
C LEU A 300 -14.80 -0.20 -9.79
N GLU A 301 -15.61 -1.14 -10.26
CA GLU A 301 -16.56 -1.88 -9.43
C GLU A 301 -15.80 -2.69 -8.36
N ARG A 302 -16.46 -2.95 -7.23
CA ARG A 302 -15.81 -3.61 -6.10
C ARG A 302 -14.99 -4.87 -6.37
N GLU A 303 -15.63 -5.89 -6.93
CA GLU A 303 -14.92 -7.15 -7.12
C GLU A 303 -13.86 -7.08 -8.21
N LEU A 304 -14.08 -6.24 -9.22
CA LEU A 304 -13.03 -5.97 -10.19
C LEU A 304 -11.82 -5.34 -9.48
N GLY A 305 -12.08 -4.38 -8.58
CA GLY A 305 -10.99 -3.76 -7.84
C GLY A 305 -10.22 -4.74 -6.96
N ARG A 306 -10.94 -5.65 -6.31
CA ARG A 306 -10.29 -6.63 -5.44
C ARG A 306 -9.35 -7.51 -6.26
N PHE A 307 -9.81 -7.95 -7.44
CA PHE A 307 -8.98 -8.84 -8.23
C PHE A 307 -7.82 -8.05 -8.87
N LYS A 308 -8.10 -6.79 -9.21
CA LYS A 308 -7.06 -6.00 -9.85
C LYS A 308 -5.91 -5.70 -8.89
N ARG A 309 -6.17 -5.71 -7.57
CA ARG A 309 -5.04 -5.56 -6.66
CA ARG A 309 -5.05 -5.59 -6.64
C ARG A 309 -4.11 -6.79 -6.77
N ILE A 310 -4.67 -7.95 -7.07
CA ILE A 310 -3.85 -9.14 -7.33
CA ILE A 310 -3.84 -9.15 -7.33
C ILE A 310 -3.03 -9.01 -8.61
N THR A 311 -3.66 -8.57 -9.71
CA THR A 311 -2.91 -8.41 -10.95
C THR A 311 -1.91 -7.24 -10.87
N ASP A 312 -2.23 -6.18 -10.11
CA ASP A 312 -1.25 -5.10 -9.91
C ASP A 312 0.03 -5.67 -9.30
N GLN A 313 -0.15 -6.48 -8.26
CA GLN A 313 1.00 -7.05 -7.55
C GLN A 313 1.80 -7.97 -8.49
N LYS A 314 1.10 -8.83 -9.22
CA LYS A 314 1.75 -9.78 -10.11
C LYS A 314 2.54 -9.06 -11.19
N TRP A 315 1.95 -8.00 -11.74
CA TRP A 315 2.61 -7.22 -12.80
C TRP A 315 3.92 -6.64 -12.28
N GLY A 316 3.88 -6.05 -11.09
CA GLY A 316 5.07 -5.47 -10.51
C GLY A 316 6.17 -6.50 -10.26
N GLU A 317 5.76 -7.70 -9.86
CA GLU A 317 6.72 -8.79 -9.66
C GLU A 317 7.35 -9.20 -11.00
N LEU A 318 6.52 -9.36 -12.02
CA LEU A 318 7.00 -9.76 -13.34
C LEU A 318 8.05 -8.76 -13.84
N VAL A 319 7.76 -7.48 -13.72
CA VAL A 319 8.69 -6.51 -14.27
C VAL A 319 9.98 -6.47 -13.43
N TYR A 320 9.85 -6.53 -12.11
CA TYR A 320 11.02 -6.61 -11.25
C TYR A 320 11.89 -7.80 -11.60
N ASP A 321 11.23 -8.91 -11.89
CA ASP A 321 11.91 -10.20 -12.10
C ASP A 321 12.47 -10.33 -13.52
N GLY A 322 12.48 -9.25 -14.31
CA GLY A 322 13.07 -9.30 -15.64
C GLY A 322 12.19 -9.97 -16.66
N LEU A 323 10.88 -9.96 -16.40
CA LEU A 323 9.90 -10.63 -17.24
C LEU A 323 8.93 -9.68 -17.91
N TRP A 324 9.39 -8.46 -18.22
CA TRP A 324 8.60 -7.51 -19.02
C TRP A 324 8.05 -8.13 -20.31
N PHE A 325 8.89 -8.93 -20.97
CA PHE A 325 8.50 -9.47 -22.28
C PHE A 325 7.84 -10.83 -22.19
N SER A 326 7.57 -11.28 -20.98
CA SER A 326 6.98 -12.60 -20.77
C SER A 326 5.54 -12.62 -21.20
N PRO A 327 5.04 -13.80 -21.57
CA PRO A 327 3.65 -13.84 -22.05
C PRO A 327 2.63 -13.57 -20.94
N LEU A 328 2.95 -13.87 -19.69
CA LEU A 328 2.02 -13.49 -18.63
C LEU A 328 1.93 -11.99 -18.49
N LYS A 329 3.06 -11.30 -18.58
CA LYS A 329 3.00 -9.85 -18.48
C LYS A 329 2.17 -9.29 -19.63
N THR A 330 2.44 -9.76 -20.85
CA THR A 330 1.71 -9.26 -22.01
C THR A 330 0.21 -9.52 -21.88
N ALA A 331 -0.16 -10.71 -21.38
CA ALA A 331 -1.59 -10.99 -21.22
C ALA A 331 -2.21 -10.13 -20.13
N LEU A 332 -1.49 -9.92 -19.02
CA LEU A 332 -1.98 -8.98 -18.02
C LEU A 332 -2.21 -7.59 -18.62
N GLU A 333 -1.39 -7.16 -19.58
CA GLU A 333 -1.64 -5.84 -20.19
C GLU A 333 -2.96 -5.78 -20.91
N SER A 334 -3.38 -6.89 -21.51
CA SER A 334 -4.70 -6.90 -22.13
C SER A 334 -5.82 -6.78 -21.11
N PHE A 335 -5.67 -7.45 -19.97
CA PHE A 335 -6.57 -7.28 -18.83
C PHE A 335 -6.60 -5.82 -18.38
N VAL A 336 -5.40 -5.29 -18.15
CA VAL A 336 -5.33 -3.91 -17.66
C VAL A 336 -5.97 -2.94 -18.64
N ALA A 337 -5.71 -3.11 -19.94
CA ALA A 337 -6.27 -2.16 -20.91
C ALA A 337 -7.78 -2.08 -20.81
N LYS A 338 -8.43 -3.23 -20.65
CA LYS A 338 -9.88 -3.22 -20.48
C LYS A 338 -10.29 -2.48 -19.20
N THR A 339 -9.59 -2.75 -18.10
CA THR A 339 -9.97 -2.07 -16.85
C THR A 339 -9.83 -0.56 -16.91
N GLN A 340 -8.93 -0.06 -17.75
CA GLN A 340 -8.69 1.37 -17.80
C GLN A 340 -9.69 2.16 -18.65
N GLU A 341 -10.64 1.48 -19.30
CA GLU A 341 -11.55 2.13 -20.23
CA GLU A 341 -11.51 2.16 -20.25
C GLU A 341 -12.26 3.34 -19.62
N HIS A 342 -12.64 3.21 -18.35
CA HIS A 342 -13.41 4.26 -17.69
C HIS A 342 -12.64 4.93 -16.57
N VAL A 343 -11.33 4.72 -16.52
CA VAL A 343 -10.53 5.30 -15.44
C VAL A 343 -10.15 6.73 -15.87
N THR A 344 -11.14 7.60 -15.73
CA THR A 344 -11.11 8.94 -16.27
C THR A 344 -11.65 9.86 -15.23
N GLY A 345 -10.90 10.91 -14.90
CA GLY A 345 -11.34 11.82 -13.87
C GLY A 345 -10.16 12.54 -13.27
N GLU A 346 -10.44 13.32 -12.22
CA GLU A 346 -9.44 14.17 -11.58
C GLU A 346 -9.35 13.87 -10.10
N ILE A 347 -8.11 13.83 -9.60
CA ILE A 347 -7.82 13.57 -8.19
C ILE A 347 -7.07 14.74 -7.62
N ARG A 348 -7.56 15.30 -6.52
CA ARG A 348 -6.92 16.43 -5.87
C ARG A 348 -6.18 15.94 -4.62
N MET A 349 -4.91 16.35 -4.49
CA MET A 349 -4.07 15.92 -3.38
C MET A 349 -3.30 17.09 -2.83
N VAL A 350 -3.01 17.04 -1.54
CA VAL A 350 -2.08 18.01 -0.97
C VAL A 350 -0.70 17.36 -0.85
N LEU A 351 0.31 18.01 -1.40
CA LEU A 351 1.70 17.55 -1.28
C LEU A 351 2.37 18.40 -0.23
N HIS A 352 2.85 17.76 0.83
CA HIS A 352 3.34 18.50 1.99
C HIS A 352 3.99 17.54 2.96
N GLY A 353 5.12 17.94 3.54
CA GLY A 353 5.69 17.17 4.63
C GLY A 353 6.11 15.77 4.25
N GLY A 354 6.45 15.60 2.97
CA GLY A 354 6.86 14.30 2.47
C GLY A 354 5.71 13.36 2.20
N HIS A 355 4.49 13.88 2.34
CA HIS A 355 3.26 13.11 2.35
C HIS A 355 2.33 13.53 1.20
N ILE A 356 1.60 12.56 0.65
CA ILE A 356 0.56 12.80 -0.33
C ILE A 356 -0.78 12.52 0.31
N ALA A 357 -1.60 13.57 0.41
CA ALA A 357 -2.92 13.48 1.02
C ALA A 357 -4.05 13.80 0.04
N VAL A 358 -4.74 12.76 -0.42
CA VAL A 358 -5.88 12.97 -1.29
C VAL A 358 -6.99 13.70 -0.53
N ASN A 359 -7.66 14.65 -1.19
CA ASN A 359 -8.79 15.33 -0.53
C ASN A 359 -9.94 15.67 -1.48
N GLY A 360 -9.88 15.16 -2.71
CA GLY A 360 -10.95 15.44 -3.67
C GLY A 360 -10.91 14.49 -4.86
N ARG A 361 -12.08 14.12 -5.35
CA ARG A 361 -12.20 13.37 -6.61
C ARG A 361 -13.38 13.88 -7.39
N ARG A 362 -13.22 13.90 -8.72
CA ARG A 362 -14.40 14.08 -9.57
C ARG A 362 -14.18 13.27 -10.84
N SER A 363 -15.27 12.77 -11.41
CA SER A 363 -15.18 11.92 -12.59
C SER A 363 -16.47 11.86 -13.37
N PRO A 364 -16.40 11.99 -14.70
CA PRO A 364 -17.58 11.78 -15.55
C PRO A 364 -17.96 10.30 -15.68
N LYS A 365 -17.14 9.41 -15.10
CA LYS A 365 -17.34 7.97 -15.17
C LYS A 365 -17.47 7.41 -13.76
N SER A 366 -17.84 8.28 -12.83
CA SER A 366 -17.95 7.87 -11.43
C SER A 366 -18.97 6.76 -11.18
N LEU A 367 -18.59 5.83 -10.32
CA LEU A 367 -19.52 4.82 -9.81
C LEU A 367 -20.02 5.19 -8.45
N TYR A 368 -19.57 6.33 -7.93
CA TYR A 368 -20.11 6.81 -6.68
C TYR A 368 -21.48 7.45 -6.98
N ASP A 369 -22.48 7.01 -6.24
CA ASP A 369 -23.85 7.45 -6.39
C ASP A 369 -24.22 8.14 -5.09
N PHE A 370 -24.25 9.47 -5.12
CA PHE A 370 -24.60 10.26 -3.95
C PHE A 370 -25.93 9.81 -3.34
N ASN A 371 -26.93 9.59 -4.18
CA ASN A 371 -28.26 9.28 -3.69
C ASN A 371 -28.35 7.89 -3.07
N LEU A 372 -27.51 6.96 -3.51
CA LEU A 372 -27.50 5.66 -2.86
C LEU A 372 -26.77 5.72 -1.52
N ALA A 373 -25.80 6.62 -1.41
CA ALA A 373 -24.96 6.73 -0.21
C ALA A 373 -25.57 7.63 0.88
N THR A 374 -26.24 8.70 0.47
CA THR A 374 -26.67 9.71 1.42
C THR A 374 -27.79 9.25 2.34
N TYR A 375 -27.89 9.89 3.51
CA TYR A 375 -29.06 9.69 4.35
C TYR A 375 -30.02 10.87 4.19
N ASP A 376 -29.56 11.89 3.47
CA ASP A 376 -30.38 13.07 3.14
C ASP A 376 -31.68 12.71 2.43
N GLU A 377 -32.48 13.74 2.16
CA GLU A 377 -33.79 13.56 1.54
C GLU A 377 -33.75 12.78 0.22
N GLY A 378 -32.64 12.88 -0.50
CA GLY A 378 -32.53 12.22 -1.80
C GLY A 378 -32.27 10.73 -1.76
N ASP A 379 -32.11 10.18 -0.55
CA ASP A 379 -31.76 8.78 -0.34
C ASP A 379 -32.59 7.83 -1.19
N THR A 380 -31.91 7.02 -2.02
CA THR A 380 -32.57 6.07 -2.90
C THR A 380 -32.26 4.61 -2.57
N PHE A 381 -31.45 4.37 -1.54
CA PHE A 381 -31.12 2.99 -1.17
C PHE A 381 -32.33 2.27 -0.59
N ASP A 382 -32.69 1.13 -1.18
CA ASP A 382 -33.79 0.33 -0.68
C ASP A 382 -33.33 -0.61 0.44
N GLN A 383 -33.60 -0.24 1.69
CA GLN A 383 -33.05 -1.00 2.81
C GLN A 383 -33.81 -2.30 3.03
N SER A 384 -34.96 -2.45 2.39
CA SER A 384 -35.73 -3.67 2.56
C SER A 384 -35.00 -4.91 2.03
N ALA A 385 -33.99 -4.70 1.20
CA ALA A 385 -33.22 -5.81 0.63
C ALA A 385 -32.17 -6.35 1.60
N ALA A 386 -31.83 -5.55 2.60
CA ALA A 386 -30.62 -5.83 3.36
C ALA A 386 -30.76 -7.02 4.28
N LYS A 387 -31.92 -7.19 4.90
CA LYS A 387 -32.11 -8.29 5.82
CA LYS A 387 -32.11 -8.30 5.83
C LYS A 387 -31.87 -9.62 5.11
N GLY A 388 -32.46 -9.75 3.93
CA GLY A 388 -32.35 -10.97 3.14
C GLY A 388 -30.94 -11.16 2.63
N PHE A 389 -30.31 -10.08 2.18
CA PHE A 389 -28.91 -10.20 1.79
C PHE A 389 -28.04 -10.74 2.92
N VAL A 390 -28.18 -10.18 4.11
CA VAL A 390 -27.32 -10.59 5.22
C VAL A 390 -27.57 -12.05 5.57
N GLN A 391 -28.84 -12.47 5.54
CA GLN A 391 -29.19 -13.85 5.85
CA GLN A 391 -29.21 -13.85 5.84
C GLN A 391 -28.49 -14.83 4.91
N ILE A 392 -28.51 -14.56 3.62
CA ILE A 392 -27.90 -15.49 2.67
CA ILE A 392 -27.90 -15.44 2.63
C ILE A 392 -26.37 -15.34 2.61
N HIS A 393 -25.87 -14.10 2.67
CA HIS A 393 -24.42 -13.84 2.72
C HIS A 393 -23.77 -14.63 3.86
N GLY A 394 -24.46 -14.67 5.01
CA GLY A 394 -23.93 -15.32 6.18
C GLY A 394 -24.22 -16.80 6.29
N LEU A 395 -25.01 -17.33 5.36
CA LEU A 395 -25.57 -18.68 5.57
C LEU A 395 -24.51 -19.77 5.54
N SER A 396 -23.63 -19.75 4.54
CA SER A 396 -22.69 -20.86 4.44
C SER A 396 -21.75 -20.89 5.66
N SER A 397 -21.29 -19.74 6.13
CA SER A 397 -20.42 -19.78 7.31
C SER A 397 -21.19 -20.09 8.59
N SER A 398 -22.49 -19.74 8.62
CA SER A 398 -23.34 -20.09 9.75
C SER A 398 -23.52 -21.59 9.85
N ILE A 399 -23.73 -22.23 8.69
CA ILE A 399 -23.86 -23.68 8.66
C ILE A 399 -22.54 -24.35 9.10
N SER A 400 -21.42 -23.80 8.64
CA SER A 400 -20.12 -24.32 9.06
C SER A 400 -19.96 -24.16 10.59
N ALA A 401 -20.34 -22.99 11.12
CA ALA A 401 -20.23 -22.75 12.56
C ALA A 401 -21.07 -23.75 13.36
N ARG A 402 -22.26 -24.06 12.86
CA ARG A 402 -23.15 -24.98 13.56
C ARG A 402 -22.51 -26.34 13.66
N ARG A 403 -21.86 -26.74 12.57
CA ARG A 403 -21.20 -28.05 12.51
C ARG A 403 -20.03 -28.05 13.48
N ASP A 404 -19.28 -26.94 13.52
CA ASP A 404 -18.12 -26.83 14.41
C ASP A 404 -18.57 -27.04 15.84
N LEU A 405 -19.71 -26.46 16.19
CA LEU A 405 -20.16 -26.41 17.58
C LEU A 405 -20.87 -27.69 18.00
N GLN A 406 -21.32 -28.50 17.02
CA GLN A 406 -22.12 -29.68 17.35
C GLN A 406 -21.31 -30.76 18.06
N SER B 10 -35.69 -15.01 31.44
CA SER B 10 -37.11 -14.69 31.39
C SER B 10 -37.51 -14.23 30.00
N GLU B 11 -36.89 -14.83 28.99
CA GLU B 11 -37.03 -14.40 27.61
C GLU B 11 -36.75 -12.91 27.48
N ARG B 12 -35.53 -12.50 27.82
CA ARG B 12 -35.14 -11.10 27.75
C ARG B 12 -34.63 -10.70 26.37
N VAL B 13 -34.69 -9.40 26.10
CA VAL B 13 -33.99 -8.84 24.95
C VAL B 13 -32.66 -8.31 25.44
N ILE B 14 -31.58 -8.68 24.75
CA ILE B 14 -30.26 -8.15 25.07
C ILE B 14 -29.91 -7.09 24.04
N LEU B 15 -29.71 -5.87 24.51
CA LEU B 15 -29.46 -4.75 23.63
C LEU B 15 -28.01 -4.33 23.66
N ALA B 16 -27.40 -4.31 22.48
CA ALA B 16 -26.11 -3.69 22.26
C ALA B 16 -26.30 -2.21 22.45
N TYR B 17 -25.89 -1.73 23.62
CA TYR B 17 -26.23 -0.39 24.05
C TYR B 17 -25.01 0.53 24.03
N SER B 18 -25.12 1.61 23.26
CA SER B 18 -24.00 2.55 23.12
C SER B 18 -24.15 3.74 24.05
N GLY B 19 -25.37 4.02 24.47
CA GLY B 19 -25.64 5.14 25.35
C GLY B 19 -26.31 6.31 24.65
N GLY B 20 -26.43 6.21 23.33
CA GLY B 20 -27.02 7.28 22.54
C GLY B 20 -28.51 7.44 22.77
N LEU B 21 -29.07 8.53 22.27
CA LEU B 21 -30.48 8.82 22.45
C LEU B 21 -31.36 7.72 21.85
N ASP B 22 -31.04 7.34 20.63
CA ASP B 22 -31.87 6.42 19.88
C ASP B 22 -31.99 5.07 20.58
N THR B 23 -30.86 4.45 20.93
CA THR B 23 -30.93 3.15 21.59
C THR B 23 -31.44 3.27 23.03
N SER B 24 -31.22 4.42 23.67
CA SER B 24 -31.75 4.65 25.01
C SER B 24 -33.28 4.59 24.99
N VAL B 25 -33.90 5.33 24.09
CA VAL B 25 -35.35 5.33 24.01
C VAL B 25 -35.83 3.98 23.47
N ALA B 26 -34.99 3.35 22.66
CA ALA B 26 -35.29 2.02 22.13
C ALA B 26 -35.54 1.00 23.24
N ILE B 27 -34.81 1.13 24.35
CA ILE B 27 -35.02 0.28 25.52
C ILE B 27 -36.47 0.27 25.98
N SER B 28 -37.02 1.46 26.20
CA SER B 28 -38.40 1.60 26.65
C SER B 28 -39.35 1.13 25.57
N TRP B 29 -39.06 1.52 24.34
CA TRP B 29 -39.90 1.20 23.19
C TRP B 29 -39.97 -0.31 22.94
N ILE B 30 -38.82 -0.98 23.03
CA ILE B 30 -38.76 -2.44 22.87
C ILE B 30 -39.58 -3.13 23.96
N GLY B 31 -39.56 -2.57 25.15
CA GLY B 31 -40.31 -3.11 26.26
C GLY B 31 -41.80 -3.15 26.00
N LYS B 32 -42.35 -2.04 25.54
CA LYS B 32 -43.79 -1.95 25.27
C LYS B 32 -44.17 -2.76 24.03
N GLU B 33 -43.32 -2.74 23.02
CA GLU B 33 -43.64 -3.38 21.75
C GLU B 33 -43.50 -4.91 21.80
N THR B 34 -42.72 -5.40 22.76
CA THR B 34 -42.47 -6.83 22.85
C THR B 34 -42.95 -7.42 24.17
N GLY B 35 -43.16 -6.56 25.16
CA GLY B 35 -43.59 -7.01 26.48
C GLY B 35 -42.48 -7.75 27.22
N ARG B 36 -41.27 -7.69 26.69
CA ARG B 36 -40.15 -8.38 27.31
C ARG B 36 -39.26 -7.41 28.07
N GLU B 37 -38.51 -7.94 29.04
CA GLU B 37 -37.53 -7.16 29.76
C GLU B 37 -36.31 -6.95 28.89
N VAL B 38 -35.64 -5.83 29.08
CA VAL B 38 -34.44 -5.52 28.31
C VAL B 38 -33.22 -5.49 29.22
N VAL B 39 -32.13 -6.11 28.75
CA VAL B 39 -30.83 -6.02 29.39
C VAL B 39 -29.91 -5.23 28.48
N ALA B 40 -29.36 -4.13 28.99
CA ALA B 40 -28.47 -3.29 28.19
C ALA B 40 -27.03 -3.71 28.45
N VAL B 41 -26.26 -3.86 27.38
CA VAL B 41 -24.88 -4.24 27.51
C VAL B 41 -24.03 -3.21 26.81
N ALA B 42 -23.22 -2.48 27.58
CA ALA B 42 -22.35 -1.45 27.04
C ALA B 42 -20.90 -1.93 27.10
N ILE B 43 -20.21 -1.84 25.97
CA ILE B 43 -18.84 -2.33 25.90
C ILE B 43 -17.87 -1.14 25.85
N ASP B 44 -16.93 -1.10 26.79
CA ASP B 44 -15.86 -0.11 26.75
C ASP B 44 -14.78 -0.60 25.81
N LEU B 45 -14.66 0.08 24.66
CA LEU B 45 -13.61 -0.19 23.70
C LEU B 45 -12.69 1.01 23.57
N GLY B 46 -12.77 1.93 24.53
CA GLY B 46 -11.96 3.13 24.47
C GLY B 46 -12.57 4.24 23.63
N GLN B 47 -13.90 4.23 23.50
CA GLN B 47 -14.62 5.26 22.76
C GLN B 47 -14.61 6.60 23.48
N GLY B 48 -14.21 6.61 24.74
CA GLY B 48 -14.23 7.82 25.53
C GLY B 48 -15.63 8.40 25.64
N GLY B 49 -15.73 9.71 25.66
CA GLY B 49 -17.03 10.34 25.83
C GLY B 49 -17.50 10.21 27.26
N GLU B 50 -18.80 9.98 27.46
CA GLU B 50 -19.38 9.89 28.78
C GLU B 50 -18.79 8.74 29.58
N ASP B 51 -18.70 8.90 30.90
CA ASP B 51 -18.29 7.81 31.76
C ASP B 51 -19.24 6.63 31.60
N MET B 52 -18.70 5.42 31.55
CA MET B 52 -19.48 4.21 31.31
C MET B 52 -20.56 4.01 32.37
N GLU B 53 -20.28 4.44 33.60
CA GLU B 53 -21.28 4.29 34.65
C GLU B 53 -22.47 5.22 34.43
N VAL B 54 -22.23 6.39 33.85
CA VAL B 54 -23.32 7.28 33.48
C VAL B 54 -24.14 6.63 32.38
N VAL B 55 -23.45 5.96 31.46
CA VAL B 55 -24.12 5.25 30.39
C VAL B 55 -24.93 4.10 30.98
N ARG B 56 -24.33 3.38 31.91
CA ARG B 56 -24.98 2.22 32.52
C ARG B 56 -26.28 2.62 33.21
N GLN B 57 -26.22 3.70 33.98
CA GLN B 57 -27.37 4.24 34.69
C GLN B 57 -28.49 4.70 33.77
N ARG B 58 -28.12 5.34 32.65
CA ARG B 58 -29.12 5.83 31.71
C ARG B 58 -30.03 4.69 31.23
N ALA B 59 -29.45 3.54 30.94
CA ALA B 59 -30.22 2.41 30.47
C ALA B 59 -31.24 2.01 31.53
N LEU B 60 -30.79 2.01 32.79
CA LEU B 60 -31.68 1.68 33.89
C LEU B 60 -32.84 2.67 33.99
N ASP B 61 -32.53 3.94 33.80
CA ASP B 61 -33.53 4.99 33.92
C ASP B 61 -34.52 4.93 32.76
N CYS B 62 -34.09 4.31 31.66
CA CYS B 62 -34.93 4.19 30.49
C CYS B 62 -35.70 2.88 30.51
N GLY B 63 -35.51 2.09 31.55
CA GLY B 63 -36.34 0.91 31.78
C GLY B 63 -35.68 -0.45 31.72
N ALA B 64 -34.36 -0.47 31.54
CA ALA B 64 -33.64 -1.75 31.48
C ALA B 64 -33.72 -2.47 32.82
N VAL B 65 -33.96 -3.77 32.79
CA VAL B 65 -34.07 -4.53 34.03
C VAL B 65 -32.67 -4.82 34.58
N GLU B 66 -31.69 -4.89 33.68
CA GLU B 66 -30.28 -5.01 34.04
C GLU B 66 -29.48 -4.14 33.08
N SER B 67 -28.37 -3.58 33.57
CA SER B 67 -27.51 -2.76 32.75
C SER B 67 -26.07 -3.04 33.13
N ILE B 68 -25.28 -3.52 32.17
CA ILE B 68 -23.92 -3.91 32.50
C ILE B 68 -22.91 -3.22 31.61
N VAL B 69 -21.70 -3.08 32.14
CA VAL B 69 -20.59 -2.53 31.38
C VAL B 69 -19.45 -3.53 31.36
N ILE B 70 -18.93 -3.80 30.17
CA ILE B 70 -17.80 -4.69 30.00
C ILE B 70 -16.59 -3.89 29.56
N ASP B 71 -15.53 -3.93 30.36
CA ASP B 71 -14.30 -3.30 29.95
C ASP B 71 -13.55 -4.25 29.06
N ALA B 72 -13.62 -4.01 27.75
CA ALA B 72 -13.01 -4.91 26.78
C ALA B 72 -11.81 -4.31 26.07
N ARG B 73 -11.22 -3.25 26.63
CA ARG B 73 -10.15 -2.55 25.93
C ARG B 73 -8.93 -3.43 25.69
N ASP B 74 -8.44 -4.14 26.72
CA ASP B 74 -7.30 -5.02 26.49
C ASP B 74 -7.64 -6.21 25.58
N GLU B 75 -8.82 -6.80 25.77
CA GLU B 75 -9.27 -7.90 24.92
C GLU B 75 -9.32 -7.46 23.45
N PHE B 76 -9.85 -6.27 23.23
CA PHE B 76 -9.91 -5.70 21.89
C PHE B 76 -8.51 -5.55 21.27
N ALA B 77 -7.59 -4.96 22.03
CA ALA B 77 -6.23 -4.79 21.52
C ALA B 77 -5.58 -6.12 21.23
N ASN B 78 -5.72 -7.05 22.17
CA ASN B 78 -4.97 -8.30 22.12
C ASN B 78 -5.48 -9.26 21.07
N ASP B 79 -6.78 -9.37 20.97
CA ASP B 79 -7.41 -10.45 20.20
C ASP B 79 -8.03 -9.99 18.89
N TYR B 80 -8.07 -8.68 18.65
CA TYR B 80 -8.66 -8.15 17.42
C TYR B 80 -7.67 -7.23 16.71
N CYS B 81 -7.10 -6.28 17.44
CA CYS B 81 -6.16 -5.35 16.82
C CYS B 81 -4.85 -6.03 16.49
N VAL B 82 -4.36 -6.87 17.40
CA VAL B 82 -3.13 -7.57 17.05
C VAL B 82 -3.28 -8.49 15.80
N PRO B 83 -4.38 -9.26 15.68
CA PRO B 83 -4.55 -9.99 14.42
C PRO B 83 -4.55 -9.07 13.20
N ALA B 84 -5.19 -7.90 13.30
CA ALA B 84 -5.21 -6.98 12.17
C ALA B 84 -3.78 -6.51 11.83
N ILE B 85 -2.97 -6.24 12.85
CA ILE B 85 -1.57 -5.87 12.61
C ILE B 85 -0.83 -7.01 11.91
N GLN B 86 -1.04 -8.24 12.37
CA GLN B 86 -0.32 -9.37 11.80
C GLN B 86 -0.67 -9.66 10.35
N SER B 87 -1.87 -9.27 9.92
CA SER B 87 -2.25 -9.36 8.51
C SER B 87 -2.14 -8.04 7.79
N ASN B 88 -1.45 -7.06 8.41
CA ASN B 88 -1.28 -5.74 7.83
C ASN B 88 -2.56 -5.19 7.23
N ALA B 89 -3.66 -5.30 7.98
CA ALA B 89 -4.97 -5.15 7.37
C ALA B 89 -5.29 -3.72 6.96
N LEU B 90 -5.42 -3.52 5.65
CA LEU B 90 -5.74 -2.23 5.08
C LEU B 90 -6.73 -2.47 3.96
N TYR B 91 -7.99 -2.21 4.26
CA TYR B 91 -9.07 -2.39 3.31
C TYR B 91 -8.91 -1.34 2.21
N MET B 92 -9.10 -1.78 0.97
CA MET B 92 -8.84 -0.88 -0.17
CA MET B 92 -8.68 -1.18 -0.30
C MET B 92 -7.34 -0.48 -0.21
N ASP B 93 -6.49 -1.14 0.57
CA ASP B 93 -5.10 -0.72 0.73
C ASP B 93 -5.05 0.67 1.37
N ARG B 94 -6.08 1.02 2.13
CA ARG B 94 -6.16 2.35 2.72
C ARG B 94 -6.46 2.38 4.21
N TYR B 95 -7.45 1.54 4.62
N TYR B 95 -7.46 1.70 4.70
CA TYR B 95 -8.26 1.58 5.90
CA TYR B 95 -7.63 1.99 6.10
C TYR B 95 -7.97 0.44 6.91
C TYR B 95 -7.87 0.72 6.87
N PRO B 96 -7.45 0.76 8.12
CA PRO B 96 -7.23 -0.43 8.95
C PRO B 96 -8.45 -0.95 9.70
N LEU B 97 -9.62 -0.94 9.07
CA LEU B 97 -10.79 -1.63 9.62
C LEU B 97 -11.29 -1.11 10.96
N VAL B 98 -11.17 0.19 11.22
CA VAL B 98 -11.53 0.75 12.53
C VAL B 98 -12.84 0.23 13.21
N SER B 99 -13.94 0.42 12.49
CA SER B 99 -15.26 0.00 12.95
C SER B 99 -15.53 -1.48 12.72
N ALA B 100 -14.83 -2.09 11.78
CA ALA B 100 -15.12 -3.46 11.46
C ALA B 100 -14.59 -4.39 12.54
N LEU B 101 -13.43 -4.05 13.10
CA LEU B 101 -12.76 -4.94 14.03
C LEU B 101 -13.51 -5.15 15.32
N SER B 102 -14.18 -4.10 15.80
CA SER B 102 -14.83 -4.22 17.10
C SER B 102 -16.09 -5.03 17.05
N ARG B 103 -16.70 -5.16 15.88
CA ARG B 103 -18.03 -5.78 15.81
C ARG B 103 -18.06 -7.24 16.27
N PRO B 104 -17.11 -8.08 15.84
CA PRO B 104 -17.17 -9.46 16.34
C PRO B 104 -16.99 -9.58 17.86
N LEU B 105 -16.23 -8.65 18.45
CA LEU B 105 -16.03 -8.67 19.90
C LEU B 105 -17.31 -8.27 20.60
N ILE B 106 -18.01 -7.26 20.08
CA ILE B 106 -19.32 -6.91 20.64
C ILE B 106 -20.30 -8.08 20.54
N VAL B 107 -20.32 -8.74 19.38
CA VAL B 107 -21.18 -9.91 19.18
C VAL B 107 -20.91 -10.97 20.25
N LYS B 108 -19.63 -11.28 20.45
CA LYS B 108 -19.25 -12.29 21.45
C LYS B 108 -19.80 -11.98 22.81
N HIS B 109 -19.67 -10.72 23.21
CA HIS B 109 -20.12 -10.35 24.55
C HIS B 109 -21.62 -10.29 24.67
N LEU B 110 -22.29 -9.93 23.58
CA LEU B 110 -23.75 -9.91 23.61
C LEU B 110 -24.30 -11.33 23.73
N VAL B 111 -23.65 -12.25 23.04
CA VAL B 111 -24.05 -13.65 23.19
C VAL B 111 -23.81 -14.16 24.60
N LYS B 112 -22.64 -13.84 25.16
CA LYS B 112 -22.34 -14.24 26.54
C LYS B 112 -23.38 -13.65 27.51
N ALA B 113 -23.73 -12.38 27.30
CA ALA B 113 -24.72 -11.74 28.15
C ALA B 113 -26.09 -12.41 28.02
N ALA B 114 -26.44 -12.82 26.81
CA ALA B 114 -27.71 -13.51 26.58
C ALA B 114 -27.77 -14.80 27.36
N ARG B 115 -26.69 -15.57 27.34
CA ARG B 115 -26.67 -16.84 28.05
C ARG B 115 -26.80 -16.63 29.55
N GLU B 116 -26.15 -15.59 30.05
CA GLU B 116 -26.12 -15.31 31.49
C GLU B 116 -27.41 -14.69 32.03
N HIS B 117 -28.11 -13.91 31.20
CA HIS B 117 -29.29 -13.17 31.67
C HIS B 117 -30.59 -13.65 31.04
N GLY B 118 -30.61 -14.86 30.50
CA GLY B 118 -31.83 -15.42 29.95
C GLY B 118 -32.39 -14.66 28.77
N GLY B 119 -31.51 -14.21 27.90
CA GLY B 119 -31.95 -13.55 26.68
C GLY B 119 -32.24 -14.55 25.57
N THR B 120 -33.30 -14.28 24.81
CA THR B 120 -33.64 -15.08 23.65
C THR B 120 -33.62 -14.22 22.39
N ILE B 121 -33.46 -12.92 22.58
CA ILE B 121 -33.46 -11.95 21.50
C ILE B 121 -32.27 -11.03 21.69
N VAL B 122 -31.54 -10.73 20.62
CA VAL B 122 -30.49 -9.72 20.67
C VAL B 122 -30.86 -8.60 19.73
N ALA B 123 -30.53 -7.37 20.11
CA ALA B 123 -30.93 -6.22 19.31
C ALA B 123 -29.74 -5.31 19.06
N HIS B 124 -29.73 -4.67 17.91
CA HIS B 124 -28.67 -3.72 17.57
C HIS B 124 -29.32 -2.55 16.88
N GLY B 125 -28.62 -1.43 16.79
CA GLY B 125 -29.17 -0.23 16.20
C GLY B 125 -28.57 0.14 14.86
N CYS B 126 -28.05 -0.83 14.13
CA CYS B 126 -27.43 -0.53 12.84
C CYS B 126 -28.50 -0.19 11.79
N THR B 127 -28.09 0.54 10.75
CA THR B 127 -28.99 0.86 9.64
C THR B 127 -28.90 -0.21 8.56
N GLY B 128 -29.77 -0.07 7.55
CA GLY B 128 -29.86 -1.04 6.48
C GLY B 128 -28.99 -0.76 5.29
N LYS B 129 -28.17 0.29 5.34
CA LYS B 129 -27.29 0.53 4.20
C LYS B 129 -25.81 0.49 4.57
N GLY B 130 -25.50 0.10 5.80
CA GLY B 130 -24.12 0.00 6.25
C GLY B 130 -23.59 -1.41 6.29
N ASN B 131 -22.32 -1.52 6.66
CA ASN B 131 -21.66 -2.81 6.80
C ASN B 131 -21.90 -3.39 8.18
N ASP B 132 -22.19 -2.54 9.16
CA ASP B 132 -22.19 -3.04 10.53
C ASP B 132 -23.33 -4.01 10.77
N GLN B 133 -24.49 -3.80 10.13
CA GLN B 133 -25.58 -4.79 10.21
C GLN B 133 -25.09 -6.18 9.82
N VAL B 134 -24.25 -6.26 8.78
CA VAL B 134 -23.75 -7.54 8.30
C VAL B 134 -22.84 -8.17 9.36
N ARG B 135 -21.93 -7.36 9.90
CA ARG B 135 -20.97 -7.87 10.88
C ARG B 135 -21.68 -8.39 12.13
N PHE B 136 -22.67 -7.63 12.61
CA PHE B 136 -23.46 -8.10 13.75
C PHE B 136 -24.26 -9.35 13.40
N GLU B 137 -25.04 -9.30 12.33
CA GLU B 137 -25.99 -10.38 12.12
C GLU B 137 -25.33 -11.68 11.63
N VAL B 138 -24.28 -11.60 10.83
CA VAL B 138 -23.57 -12.83 10.44
C VAL B 138 -22.90 -13.41 11.69
N GLY B 139 -22.37 -12.52 12.52
CA GLY B 139 -21.80 -12.95 13.79
C GLY B 139 -22.80 -13.69 14.68
N PHE B 140 -23.96 -13.10 14.88
CA PHE B 140 -25.00 -13.75 15.68
C PHE B 140 -25.41 -15.11 15.08
N ALA B 141 -25.52 -15.14 13.76
CA ALA B 141 -25.92 -16.38 13.10
C ALA B 141 -24.88 -17.48 13.25
N SER B 142 -23.62 -17.08 13.39
CA SER B 142 -22.54 -18.05 13.59
C SER B 142 -22.40 -18.50 15.04
N LEU B 143 -22.50 -17.57 15.97
CA LEU B 143 -22.25 -17.88 17.37
C LEU B 143 -23.48 -18.35 18.13
N ALA B 144 -24.66 -17.92 17.70
CA ALA B 144 -25.85 -18.19 18.48
C ALA B 144 -27.11 -18.11 17.63
N PRO B 145 -27.27 -19.06 16.70
CA PRO B 145 -28.37 -19.00 15.74
C PRO B 145 -29.74 -19.15 16.38
N ASP B 146 -29.78 -19.60 17.63
CA ASP B 146 -31.03 -19.75 18.36
C ASP B 146 -31.59 -18.39 18.75
N LEU B 147 -30.73 -17.38 18.79
CA LEU B 147 -31.18 -16.07 19.24
C LEU B 147 -31.85 -15.33 18.08
N GLU B 148 -33.01 -14.77 18.36
CA GLU B 148 -33.69 -13.92 17.40
C GLU B 148 -32.96 -12.59 17.38
N VAL B 149 -32.83 -12.00 16.20
CA VAL B 149 -32.16 -10.71 16.09
C VAL B 149 -33.15 -9.62 15.73
N LEU B 150 -33.18 -8.58 16.55
CA LEU B 150 -34.07 -7.46 16.36
C LEU B 150 -33.27 -6.24 15.91
N ALA B 151 -33.68 -5.65 14.78
CA ALA B 151 -33.01 -4.47 14.22
C ALA B 151 -33.99 -3.31 14.04
N PRO B 152 -34.22 -2.54 15.12
CA PRO B 152 -35.31 -1.55 15.08
C PRO B 152 -35.11 -0.48 14.01
N VAL B 153 -33.86 -0.08 13.76
CA VAL B 153 -33.61 1.03 12.86
C VAL B 153 -33.89 0.61 11.43
N ARG B 154 -33.42 -0.58 11.07
CA ARG B 154 -33.64 -1.06 9.72
C ARG B 154 -35.06 -1.59 9.51
N ASP B 155 -35.58 -2.35 10.47
CA ASP B 155 -36.78 -3.14 10.20
C ASP B 155 -38.06 -2.57 10.79
N TYR B 156 -37.95 -1.61 11.71
CA TYR B 156 -39.13 -1.04 12.36
C TYR B 156 -39.15 0.48 12.32
N ALA B 157 -38.38 1.05 11.40
CA ALA B 157 -38.33 2.50 11.16
C ALA B 157 -37.99 3.33 12.39
N TRP B 158 -37.13 2.79 13.26
CA TRP B 158 -36.75 3.53 14.46
C TRP B 158 -35.82 4.68 14.09
N THR B 159 -36.26 5.90 14.36
CA THR B 159 -35.51 7.09 14.01
C THR B 159 -35.25 7.95 15.24
N ARG B 160 -34.49 9.03 15.06
CA ARG B 160 -34.32 10.01 16.13
C ARG B 160 -35.66 10.65 16.47
N GLU B 161 -36.39 11.06 15.43
CA GLU B 161 -37.67 11.73 15.60
C GLU B 161 -38.70 10.84 16.29
N LYS B 162 -38.75 9.57 15.90
CA LYS B 162 -39.66 8.63 16.53
C LYS B 162 -39.26 8.43 17.99
N ALA B 163 -37.97 8.57 18.26
CA ALA B 163 -37.44 8.42 19.61
C ALA B 163 -37.75 9.64 20.47
N ILE B 164 -37.49 10.83 19.93
CA ILE B 164 -37.79 12.07 20.63
C ILE B 164 -39.30 12.16 20.90
N ALA B 165 -40.09 11.68 19.95
CA ALA B 165 -41.54 11.67 20.11
C ALA B 165 -41.98 10.67 21.17
N PHE B 166 -41.42 9.46 21.13
CA PHE B 166 -41.78 8.41 22.08
C PHE B 166 -41.42 8.79 23.52
N ALA B 167 -40.28 9.46 23.69
CA ALA B 167 -39.78 9.80 25.02
C ALA B 167 -40.60 10.91 25.66
N GLU B 168 -41.21 11.76 24.83
CA GLU B 168 -42.06 12.82 25.33
C GLU B 168 -43.46 12.29 25.65
N GLU B 169 -43.92 11.34 24.85
CA GLU B 169 -45.26 10.76 25.01
C GLU B 169 -45.34 9.80 26.19
N ASN B 170 -44.25 9.11 26.46
CA ASN B 170 -44.22 8.12 27.53
C ASN B 170 -43.43 8.60 28.76
N ASN B 171 -43.17 9.90 28.81
CA ASN B 171 -42.51 10.53 29.95
C ASN B 171 -41.23 9.80 30.35
N ILE B 172 -40.33 9.62 29.39
CA ILE B 172 -39.06 8.96 29.64
C ILE B 172 -38.02 9.97 30.13
N PRO B 173 -37.41 9.69 31.29
CA PRO B 173 -36.45 10.62 31.91
C PRO B 173 -35.12 10.67 31.16
N ILE B 174 -35.15 11.19 29.94
CA ILE B 174 -33.95 11.28 29.12
C ILE B 174 -33.73 12.71 28.62
N ASN B 175 -32.48 13.16 28.65
CA ASN B 175 -32.13 14.46 28.10
C ASN B 175 -31.87 14.33 26.61
N VAL B 176 -32.59 15.13 25.82
CA VAL B 176 -32.48 15.09 24.37
C VAL B 176 -31.36 16.00 23.87
N THR B 177 -30.26 15.39 23.43
CA THR B 177 -29.12 16.16 22.97
C THR B 177 -29.32 16.64 21.52
N LYS B 178 -28.71 17.77 21.21
CA LYS B 178 -28.76 18.31 19.84
C LYS B 178 -28.15 17.33 18.86
N ARG B 179 -28.61 17.37 17.61
CA ARG B 179 -28.09 16.48 16.59
C ARG B 179 -26.70 16.94 16.17
N SER B 180 -25.78 16.00 15.99
CA SER B 180 -24.45 16.34 15.47
C SER B 180 -24.46 16.29 13.95
N PRO B 181 -23.66 17.15 13.31
CA PRO B 181 -23.49 17.03 11.85
C PRO B 181 -22.64 15.81 11.51
N PHE B 182 -21.93 15.28 12.51
CA PHE B 182 -21.02 14.16 12.30
C PHE B 182 -21.63 12.83 12.71
N SER B 183 -21.53 11.82 11.86
CA SER B 183 -21.73 10.46 12.29
C SER B 183 -20.36 9.91 12.64
N ILE B 184 -20.13 9.63 13.92
CA ILE B 184 -18.80 9.27 14.39
C ILE B 184 -18.80 7.92 15.08
N ASP B 185 -17.83 7.09 14.75
CA ASP B 185 -17.58 5.89 15.51
C ASP B 185 -16.12 5.89 15.91
N GLN B 186 -15.85 5.73 17.20
CA GLN B 186 -14.45 5.78 17.62
C GLN B 186 -14.17 4.81 18.73
N ASN B 187 -12.95 4.29 18.73
CA ASN B 187 -12.50 3.44 19.82
C ASN B 187 -10.98 3.58 19.90
N VAL B 188 -10.31 2.74 20.67
CA VAL B 188 -8.89 2.95 20.84
C VAL B 188 -8.10 2.70 19.55
N TRP B 189 -8.70 1.99 18.59
CA TRP B 189 -8.00 1.63 17.36
C TRP B 189 -8.10 2.70 16.30
N GLY B 190 -9.11 3.57 16.41
CA GLY B 190 -9.23 4.63 15.42
C GLY B 190 -10.57 5.33 15.49
N ARG B 191 -10.77 6.28 14.59
CA ARG B 191 -11.98 7.08 14.59
C ARG B 191 -12.49 7.22 13.16
N ALA B 192 -13.81 7.10 12.98
CA ALA B 192 -14.41 7.19 11.66
C ALA B 192 -15.39 8.35 11.67
N VAL B 193 -15.37 9.19 10.64
CA VAL B 193 -16.29 10.34 10.56
C VAL B 193 -16.96 10.41 9.21
N GLU B 194 -18.29 10.52 9.23
CA GLU B 194 -19.16 10.69 8.08
C GLU B 194 -19.91 11.98 8.28
N THR B 195 -19.91 12.88 7.29
CA THR B 195 -20.69 14.10 7.37
C THR B 195 -21.39 14.31 6.04
N GLY B 196 -22.51 15.02 6.05
CA GLY B 196 -23.21 15.30 4.82
C GLY B 196 -22.32 16.02 3.84
N PHE B 197 -21.57 16.99 4.33
CA PHE B 197 -20.69 17.81 3.49
C PHE B 197 -19.69 16.93 2.74
N LEU B 198 -19.26 15.85 3.39
CA LEU B 198 -18.23 15.04 2.77
C LEU B 198 -18.81 13.95 1.87
N GLU B 199 -20.14 13.90 1.77
CA GLU B 199 -20.75 13.02 0.78
C GLU B 199 -20.51 13.53 -0.65
N HIS B 200 -20.09 14.78 -0.80
CA HIS B 200 -19.68 15.31 -2.11
C HIS B 200 -18.18 15.13 -2.28
N LEU B 201 -17.78 14.42 -3.33
CA LEU B 201 -16.39 13.98 -3.40
C LEU B 201 -15.41 15.12 -3.72
N TRP B 202 -15.91 16.28 -4.13
CA TRP B 202 -15.01 17.40 -4.40
C TRP B 202 -14.86 18.31 -3.17
N ASN B 203 -15.57 17.98 -2.09
CA ASN B 203 -15.38 18.68 -0.82
C ASN B 203 -14.25 18.07 0.00
N ALA B 204 -13.29 18.90 0.38
CA ALA B 204 -12.23 18.47 1.28
C ALA B 204 -12.67 18.58 2.73
N PRO B 205 -12.12 17.74 3.60
CA PRO B 205 -12.46 17.91 5.02
C PRO B 205 -11.85 19.18 5.60
N THR B 206 -12.52 19.70 6.62
CA THR B 206 -12.01 20.84 7.39
C THR B 206 -11.50 20.39 8.76
N LYS B 207 -10.88 21.31 9.50
CA LYS B 207 -10.22 20.92 10.72
C LYS B 207 -11.22 20.39 11.74
N ASP B 208 -12.49 20.76 11.62
CA ASP B 208 -13.46 20.35 12.64
C ASP B 208 -13.83 18.87 12.57
N VAL B 209 -13.42 18.16 11.52
CA VAL B 209 -13.69 16.73 11.41
CA VAL B 209 -13.74 16.73 11.50
C VAL B 209 -12.72 15.92 12.28
N TYR B 210 -11.61 16.54 12.67
CA TYR B 210 -10.54 15.79 13.35
C TYR B 210 -10.57 15.95 14.86
N SER B 211 -10.13 14.90 15.56
CA SER B 211 -10.08 14.90 17.01
CA SER B 211 -10.04 14.95 17.01
C SER B 211 -8.89 14.12 17.56
N TYR B 212 -8.63 12.95 16.99
CA TYR B 212 -7.54 12.08 17.45
C TYR B 212 -6.17 12.64 17.08
N THR B 213 -6.14 13.49 16.07
CA THR B 213 -4.87 13.94 15.52
C THR B 213 -4.85 15.45 15.38
N GLU B 214 -3.66 16.02 15.55
CA GLU B 214 -3.43 17.44 15.29
C GLU B 214 -3.06 17.67 13.85
N ASP B 215 -3.22 18.89 13.38
CA ASP B 215 -2.80 19.18 12.03
C ASP B 215 -1.30 18.94 11.92
N PRO B 216 -0.84 18.35 10.81
CA PRO B 216 0.61 18.16 10.66
C PRO B 216 1.45 19.43 10.88
N THR B 217 0.91 20.61 10.65
CA THR B 217 1.75 21.80 10.81
C THR B 217 2.05 22.15 12.26
N VAL B 218 1.22 21.67 13.18
CA VAL B 218 1.33 22.13 14.57
C VAL B 218 2.68 21.80 15.20
N ASN B 219 3.09 20.53 15.12
CA ASN B 219 4.34 20.12 15.77
C ASN B 219 5.45 19.81 14.77
N TRP B 220 5.36 20.48 13.63
CA TRP B 220 6.30 20.36 12.54
C TRP B 220 7.76 20.57 12.94
N SER B 221 8.00 21.47 13.90
CA SER B 221 9.35 21.79 14.29
CA SER B 221 9.36 21.80 14.31
C SER B 221 10.02 20.71 15.13
N THR B 222 9.24 19.72 15.57
CA THR B 222 9.81 18.69 16.44
C THR B 222 9.41 17.30 15.96
N PRO B 223 10.05 16.82 14.86
CA PRO B 223 9.76 15.46 14.38
C PRO B 223 10.03 14.45 15.47
N ASP B 224 9.28 13.35 15.45
CA ASP B 224 9.31 12.34 16.49
C ASP B 224 9.86 11.05 15.93
N GLU B 225 11.09 10.71 16.29
CA GLU B 225 11.64 9.43 15.90
C GLU B 225 11.31 8.37 16.94
N VAL B 226 10.69 7.29 16.49
CA VAL B 226 10.19 6.25 17.39
C VAL B 226 10.66 4.88 16.95
N ILE B 227 10.97 4.01 17.91
CA ILE B 227 11.35 2.64 17.64
C ILE B 227 10.25 1.75 18.15
N VAL B 228 9.72 0.90 17.27
CA VAL B 228 8.68 -0.03 17.69
C VAL B 228 9.22 -1.45 17.59
N GLY B 229 9.11 -2.19 18.69
CA GLY B 229 9.60 -3.56 18.75
C GLY B 229 8.47 -4.56 18.72
N PHE B 230 8.71 -5.67 18.01
CA PHE B 230 7.76 -6.78 17.93
C PHE B 230 8.40 -8.08 18.39
N GLU B 231 7.59 -8.97 18.94
CA GLU B 231 8.00 -10.33 19.21
C GLU B 231 6.94 -11.25 18.64
N GLN B 232 7.38 -12.09 17.71
CA GLN B 232 6.48 -12.98 16.98
C GLN B 232 5.24 -12.23 16.48
N GLY B 233 5.49 -11.06 15.90
CA GLY B 233 4.45 -10.28 15.26
C GLY B 233 3.58 -9.47 16.19
N VAL B 234 3.85 -9.51 17.49
CA VAL B 234 3.08 -8.74 18.47
C VAL B 234 3.89 -7.54 18.88
N PRO B 235 3.30 -6.32 18.89
CA PRO B 235 4.05 -5.16 19.38
C PRO B 235 4.33 -5.30 20.87
N VAL B 236 5.61 -5.21 21.26
CA VAL B 236 5.97 -5.44 22.64
C VAL B 236 6.86 -4.33 23.24
N SER B 237 7.35 -3.41 22.43
CA SER B 237 8.15 -2.33 23.01
C SER B 237 8.07 -1.05 22.18
N ILE B 238 8.30 0.06 22.86
CA ILE B 238 8.43 1.36 22.18
C ILE B 238 9.64 2.05 22.79
N ASP B 239 10.61 2.39 21.95
CA ASP B 239 11.85 3.04 22.42
C ASP B 239 12.47 2.27 23.58
N GLY B 240 12.45 0.95 23.48
CA GLY B 240 13.08 0.12 24.47
C GLY B 240 12.22 -0.24 25.67
N ARG B 241 11.10 0.47 25.81
CA ARG B 241 10.20 0.25 26.93
C ARG B 241 9.17 -0.83 26.64
N SER B 242 9.06 -1.82 27.52
CA SER B 242 8.05 -2.81 27.33
C SER B 242 6.64 -2.24 27.47
N VAL B 243 5.76 -2.72 26.61
CA VAL B 243 4.36 -2.32 26.63
C VAL B 243 3.46 -3.50 26.31
N THR B 244 2.23 -3.42 26.81
CA THR B 244 1.15 -4.30 26.36
C THR B 244 0.67 -3.85 24.98
N PRO B 245 -0.10 -4.70 24.28
CA PRO B 245 -0.58 -4.21 22.97
C PRO B 245 -1.47 -2.98 23.10
N LEU B 246 -2.31 -2.92 24.12
CA LEU B 246 -3.15 -1.73 24.30
C LEU B 246 -2.29 -0.51 24.56
N GLN B 247 -1.25 -0.65 25.39
CA GLN B 247 -0.37 0.47 25.66
C GLN B 247 0.38 0.93 24.41
N ALA B 248 0.78 -0.03 23.56
CA ALA B 248 1.44 0.29 22.30
C ALA B 248 0.52 1.15 21.43
N ILE B 249 -0.72 0.70 21.28
CA ILE B 249 -1.69 1.44 20.49
C ILE B 249 -1.90 2.84 21.06
N GLU B 250 -2.07 2.95 22.38
CA GLU B 250 -2.38 4.26 22.94
C GLU B 250 -1.20 5.21 22.81
N GLU B 251 0.01 4.70 23.03
CA GLU B 251 1.18 5.57 22.96
C GLU B 251 1.41 6.06 21.54
N LEU B 252 1.23 5.17 20.57
CA LEU B 252 1.44 5.55 19.20
C LEU B 252 0.27 6.39 18.67
N ASN B 253 -0.92 6.23 19.25
CA ASN B 253 -2.03 7.15 18.95
C ASN B 253 -1.63 8.55 19.38
N ARG B 254 -1.02 8.67 20.56
CA ARG B 254 -0.62 9.99 21.04
CA ARG B 254 -0.59 9.98 21.07
C ARG B 254 0.50 10.57 20.20
N ARG B 255 1.57 9.80 20.00
CA ARG B 255 2.74 10.31 19.30
C ARG B 255 2.48 10.53 17.83
N GLY B 256 1.78 9.59 17.18
CA GLY B 256 1.41 9.81 15.80
C GLY B 256 0.41 10.94 15.68
N GLY B 257 -0.54 11.00 16.62
CA GLY B 257 -1.54 12.04 16.58
C GLY B 257 -0.94 13.42 16.65
N GLU B 258 0.08 13.59 17.48
CA GLU B 258 0.73 14.89 17.64
C GLU B 258 1.36 15.36 16.32
N GLN B 259 1.67 14.41 15.44
CA GLN B 259 2.30 14.69 14.16
C GLN B 259 1.35 14.58 12.98
N GLY B 260 0.05 14.47 13.25
CA GLY B 260 -0.93 14.43 12.19
C GLY B 260 -0.93 13.15 11.38
N VAL B 261 -0.30 12.11 11.91
CA VAL B 261 -0.20 10.82 11.23
C VAL B 261 -1.53 10.04 11.27
N GLY B 262 -1.80 9.31 10.19
CA GLY B 262 -2.95 8.42 10.15
C GLY B 262 -4.23 9.13 9.80
N ARG B 263 -4.14 10.28 9.15
CA ARG B 263 -5.34 10.90 8.57
C ARG B 263 -5.64 10.27 7.22
N LEU B 264 -6.81 9.65 7.12
CA LEU B 264 -7.21 8.95 5.90
C LEU B 264 -8.51 9.51 5.36
N ASP B 265 -8.63 9.49 4.04
CA ASP B 265 -9.80 10.03 3.35
C ASP B 265 -10.03 9.08 2.20
N VAL B 266 -11.05 8.23 2.32
CA VAL B 266 -11.16 7.04 1.50
C VAL B 266 -12.51 6.96 0.80
N VAL B 267 -12.50 6.58 -0.46
CA VAL B 267 -13.72 6.15 -1.13
C VAL B 267 -13.66 4.63 -1.15
N GLU B 268 -14.57 4.00 -0.41
CA GLU B 268 -14.50 2.54 -0.29
C GLU B 268 -15.72 1.86 -0.85
N ASP B 269 -15.54 0.58 -1.15
CA ASP B 269 -16.61 -0.29 -1.58
C ASP B 269 -17.28 -0.97 -0.39
N ARG B 270 -18.52 -0.61 -0.10
CA ARG B 270 -19.28 -1.29 0.95
C ARG B 270 -19.66 -2.67 0.45
N LEU B 271 -19.82 -3.64 1.34
CA LEU B 271 -20.25 -4.95 0.88
C LEU B 271 -21.66 -4.89 0.28
N VAL B 272 -22.46 -3.93 0.74
CA VAL B 272 -23.83 -3.84 0.25
C VAL B 272 -23.97 -3.12 -1.11
N GLY B 273 -22.87 -2.94 -1.82
CA GLY B 273 -22.93 -2.71 -3.25
C GLY B 273 -22.71 -1.30 -3.70
N ILE B 274 -22.49 -0.39 -2.74
CA ILE B 274 -22.32 1.02 -3.06
C ILE B 274 -20.96 1.55 -2.59
N LYS B 275 -20.50 2.63 -3.21
CA LYS B 275 -19.32 3.30 -2.72
C LYS B 275 -19.69 4.37 -1.71
N SER B 276 -18.81 4.63 -0.77
CA SER B 276 -19.03 5.75 0.13
C SER B 276 -17.72 6.38 0.55
N ARG B 277 -17.79 7.61 1.00
CA ARG B 277 -16.61 8.38 1.36
C ARG B 277 -16.59 8.59 2.84
N GLU B 278 -15.45 8.29 3.45
CA GLU B 278 -15.32 8.40 4.88
C GLU B 278 -13.96 8.99 5.25
N ILE B 279 -13.91 9.70 6.38
CA ILE B 279 -12.66 10.16 6.95
C ILE B 279 -12.29 9.26 8.13
N TYR B 280 -11.03 8.84 8.20
CA TYR B 280 -10.56 8.10 9.35
C TYR B 280 -9.39 8.77 10.01
N GLU B 281 -9.29 8.59 11.32
CA GLU B 281 -8.05 8.90 12.04
C GLU B 281 -7.56 7.63 12.71
N ALA B 282 -6.39 7.15 12.33
CA ALA B 282 -5.88 5.92 12.94
C ALA B 282 -4.35 5.99 13.12
N PRO B 283 -3.88 6.96 13.93
CA PRO B 283 -2.43 7.20 14.00
C PRO B 283 -1.67 5.97 14.50
N GLY B 284 -2.08 5.44 15.65
CA GLY B 284 -1.38 4.29 16.21
C GLY B 284 -1.46 3.07 15.31
N ALA B 285 -2.65 2.81 14.77
CA ALA B 285 -2.83 1.67 13.87
C ALA B 285 -1.92 1.77 12.66
N MET B 286 -1.83 2.95 12.04
CA MET B 286 -0.99 3.07 10.87
C MET B 286 0.50 2.94 11.19
N VAL B 287 0.94 3.43 12.36
CA VAL B 287 2.32 3.23 12.73
C VAL B 287 2.61 1.75 12.95
N LEU B 288 1.69 1.06 13.62
CA LEU B 288 1.91 -0.36 13.92
C LEU B 288 1.90 -1.21 12.65
N ILE B 289 0.97 -0.95 11.74
CA ILE B 289 0.88 -1.77 10.53
C ILE B 289 2.08 -1.46 9.62
N THR B 290 2.45 -0.18 9.52
CA THR B 290 3.63 0.17 8.73
C THR B 290 4.87 -0.52 9.27
N ALA B 291 5.10 -0.38 10.58
CA ALA B 291 6.27 -1.01 11.19
C ALA B 291 6.23 -2.54 11.04
N HIS B 292 5.06 -3.13 11.23
CA HIS B 292 4.95 -4.58 11.10
C HIS B 292 5.30 -5.04 9.68
N THR B 293 4.82 -4.29 8.69
CA THR B 293 5.15 -4.62 7.31
C THR B 293 6.68 -4.52 7.07
N GLU B 294 7.30 -3.45 7.55
CA GLU B 294 8.75 -3.29 7.37
C GLU B 294 9.51 -4.45 8.01
N LEU B 295 9.03 -4.90 9.17
CA LEU B 295 9.70 -5.98 9.87
C LEU B 295 9.56 -7.29 9.10
N GLU B 296 8.41 -7.52 8.48
CA GLU B 296 8.28 -8.71 7.64
C GLU B 296 9.22 -8.65 6.44
N HIS B 297 9.48 -7.47 5.90
CA HIS B 297 10.43 -7.40 4.79
C HIS B 297 11.84 -7.82 5.19
N VAL B 298 12.14 -7.71 6.49
CA VAL B 298 13.45 -8.13 7.01
C VAL B 298 13.48 -9.60 7.41
N THR B 299 12.33 -10.12 7.83
CA THR B 299 12.28 -11.44 8.45
C THR B 299 11.57 -12.56 7.68
N LEU B 300 10.83 -12.23 6.62
CA LEU B 300 10.15 -13.25 5.82
C LEU B 300 10.81 -13.41 4.46
N GLU B 301 11.01 -14.67 4.07
CA GLU B 301 11.57 -15.00 2.77
C GLU B 301 10.71 -14.49 1.61
N ARG B 302 11.36 -14.27 0.48
CA ARG B 302 10.74 -13.62 -0.68
C ARG B 302 9.39 -14.17 -1.09
N GLU B 303 9.35 -15.46 -1.44
CA GLU B 303 8.11 -15.98 -1.99
C GLU B 303 7.02 -16.11 -0.94
N LEU B 304 7.39 -16.39 0.32
CA LEU B 304 6.43 -16.35 1.42
C LEU B 304 5.82 -14.95 1.49
N GLY B 305 6.66 -13.92 1.38
CA GLY B 305 6.20 -12.54 1.42
C GLY B 305 5.24 -12.19 0.30
N ARG B 306 5.54 -12.67 -0.91
CA ARG B 306 4.67 -12.41 -2.07
C ARG B 306 3.30 -13.02 -1.81
N PHE B 307 3.29 -14.25 -1.30
CA PHE B 307 1.99 -14.89 -1.11
C PHE B 307 1.27 -14.27 0.09
N LYS B 308 2.02 -13.87 1.11
CA LYS B 308 1.37 -13.29 2.27
C LYS B 308 0.71 -11.95 1.94
N ARG B 309 1.15 -11.25 0.91
CA ARG B 309 0.45 -10.04 0.51
CA ARG B 309 0.44 -10.03 0.55
C ARG B 309 -0.96 -10.39 0.01
N ILE B 310 -1.09 -11.58 -0.56
CA ILE B 310 -2.40 -12.04 -1.02
CA ILE B 310 -2.39 -12.06 -1.01
C ILE B 310 -3.31 -12.37 0.17
N THR B 311 -2.79 -13.10 1.15
CA THR B 311 -3.59 -13.47 2.31
C THR B 311 -3.87 -12.25 3.19
N ASP B 312 -2.94 -11.29 3.24
CA ASP B 312 -3.20 -10.04 3.96
C ASP B 312 -4.43 -9.36 3.38
N GLN B 313 -4.48 -9.28 2.06
CA GLN B 313 -5.60 -8.62 1.40
C GLN B 313 -6.89 -9.38 1.66
N LYS B 314 -6.84 -10.71 1.51
CA LYS B 314 -8.04 -11.52 1.71
C LYS B 314 -8.58 -11.40 3.14
N TRP B 315 -7.69 -11.39 4.12
CA TRP B 315 -8.11 -11.31 5.52
C TRP B 315 -8.84 -9.99 5.76
N GLY B 316 -8.30 -8.90 5.23
CA GLY B 316 -8.95 -7.60 5.39
C GLY B 316 -10.32 -7.57 4.77
N GLU B 317 -10.46 -8.19 3.61
CA GLU B 317 -11.76 -8.30 2.95
C GLU B 317 -12.75 -9.11 3.80
N LEU B 318 -12.31 -10.25 4.32
CA LEU B 318 -13.20 -11.09 5.11
C LEU B 318 -13.74 -10.32 6.32
N VAL B 319 -12.85 -9.64 7.03
CA VAL B 319 -13.27 -8.95 8.23
C VAL B 319 -14.19 -7.77 7.87
N TYR B 320 -13.85 -7.05 6.81
CA TYR B 320 -14.71 -5.97 6.35
C TYR B 320 -16.12 -6.49 6.00
N ASP B 321 -16.16 -7.66 5.37
CA ASP B 321 -17.38 -8.26 4.85
C ASP B 321 -18.23 -8.97 5.93
N GLY B 322 -17.87 -8.81 7.20
CA GLY B 322 -18.62 -9.43 8.29
C GLY B 322 -18.36 -10.90 8.49
N LEU B 323 -17.19 -11.35 8.04
CA LEU B 323 -16.83 -12.76 8.03
C LEU B 323 -15.65 -13.09 8.96
N TRP B 324 -15.53 -12.31 10.04
CA TRP B 324 -14.55 -12.62 11.08
C TRP B 324 -14.64 -14.07 11.55
N PHE B 325 -15.86 -14.58 11.72
CA PHE B 325 -16.06 -15.93 12.23
C PHE B 325 -16.11 -17.01 11.18
N SER B 326 -15.86 -16.65 9.93
CA SER B 326 -15.93 -17.59 8.82
C SER B 326 -14.78 -18.58 8.85
N PRO B 327 -15.00 -19.77 8.30
CA PRO B 327 -13.89 -20.73 8.37
C PRO B 327 -12.68 -20.33 7.51
N LEU B 328 -12.85 -19.55 6.45
CA LEU B 328 -11.65 -19.12 5.72
C LEU B 328 -10.83 -18.16 6.57
N LYS B 329 -11.49 -17.23 7.27
CA LYS B 329 -10.75 -16.31 8.14
C LYS B 329 -10.00 -17.12 9.21
N THR B 330 -10.66 -18.06 9.84
CA THR B 330 -10.05 -18.85 10.90
C THR B 330 -8.83 -19.62 10.36
N ALA B 331 -8.97 -20.17 9.16
CA ALA B 331 -7.87 -20.95 8.58
C ALA B 331 -6.70 -20.03 8.20
N LEU B 332 -7.00 -18.84 7.70
CA LEU B 332 -5.94 -17.89 7.41
C LEU B 332 -5.18 -17.54 8.67
N GLU B 333 -5.87 -17.47 9.82
CA GLU B 333 -5.19 -17.20 11.08
C GLU B 333 -4.17 -18.29 11.38
N SER B 334 -4.44 -19.54 11.02
CA SER B 334 -3.41 -20.57 11.23
C SER B 334 -2.18 -20.35 10.35
N PHE B 335 -2.41 -19.97 9.10
CA PHE B 335 -1.35 -19.57 8.21
C PHE B 335 -0.58 -18.41 8.82
N VAL B 336 -1.29 -17.38 9.24
CA VAL B 336 -0.61 -16.19 9.75
C VAL B 336 0.24 -16.52 10.98
N ALA B 337 -0.30 -17.34 11.87
CA ALA B 337 0.44 -17.63 13.11
C ALA B 337 1.79 -18.23 12.79
N LYS B 338 1.85 -19.12 11.80
CA LYS B 338 3.12 -19.74 11.44
C LYS B 338 4.05 -18.68 10.86
N THR B 339 3.53 -17.78 10.02
CA THR B 339 4.40 -16.77 9.42
C THR B 339 4.97 -15.84 10.48
N GLN B 340 4.29 -15.70 11.61
CA GLN B 340 4.72 -14.70 12.58
C GLN B 340 5.82 -15.20 13.50
N GLU B 341 6.14 -16.49 13.42
CA GLU B 341 7.10 -17.12 14.32
CA GLU B 341 7.08 -17.09 14.37
C GLU B 341 8.40 -16.33 14.48
N HIS B 342 8.92 -15.80 13.38
CA HIS B 342 10.21 -15.11 13.44
C HIS B 342 10.11 -13.61 13.18
N VAL B 343 8.90 -13.06 13.25
CA VAL B 343 8.69 -11.63 12.98
C VAL B 343 8.97 -10.88 14.28
N THR B 344 10.27 -10.77 14.55
CA THR B 344 10.76 -10.27 15.83
C THR B 344 11.85 -9.28 15.52
N GLY B 345 11.78 -8.09 16.10
CA GLY B 345 12.76 -7.08 15.81
C GLY B 345 12.22 -5.69 16.05
N GLU B 346 13.01 -4.69 15.68
CA GLU B 346 12.68 -3.30 15.93
C GLU B 346 12.74 -2.49 14.66
N ILE B 347 11.76 -1.58 14.51
CA ILE B 347 11.67 -0.71 13.34
C ILE B 347 11.70 0.73 13.81
N ARG B 348 12.56 1.53 13.21
CA ARG B 348 12.72 2.94 13.59
C ARG B 348 12.08 3.80 12.52
N MET B 349 11.23 4.73 12.93
CA MET B 349 10.48 5.58 12.01
C MET B 349 10.51 7.02 12.47
N VAL B 350 10.38 7.94 11.53
CA VAL B 350 10.16 9.32 11.92
C VAL B 350 8.72 9.68 11.61
N LEU B 351 8.05 10.23 12.64
CA LEU B 351 6.69 10.73 12.51
C LEU B 351 6.77 12.25 12.35
N HIS B 352 6.27 12.74 11.23
CA HIS B 352 6.36 14.15 10.92
C HIS B 352 5.55 14.47 9.69
N GLY B 353 4.87 15.60 9.68
CA GLY B 353 4.24 16.06 8.45
C GLY B 353 3.07 15.22 8.02
N GLY B 354 2.51 14.47 8.97
CA GLY B 354 1.39 13.56 8.68
C GLY B 354 1.89 12.25 8.09
N HIS B 355 3.21 12.09 8.05
CA HIS B 355 3.89 11.02 7.32
C HIS B 355 4.67 10.09 8.23
N ILE B 356 4.72 8.81 7.87
CA ILE B 356 5.54 7.85 8.59
C ILE B 356 6.71 7.45 7.72
N ALA B 357 7.93 7.78 8.17
CA ALA B 357 9.13 7.50 7.37
C ALA B 357 10.07 6.50 8.06
N VAL B 358 10.15 5.29 7.54
CA VAL B 358 11.06 4.29 8.10
C VAL B 358 12.52 4.66 7.85
N ASN B 359 13.38 4.53 8.84
CA ASN B 359 14.81 4.80 8.60
C ASN B 359 15.78 3.85 9.29
N GLY B 360 15.26 2.77 9.88
CA GLY B 360 16.11 1.82 10.55
C GLY B 360 15.40 0.51 10.85
N ARG B 361 16.15 -0.59 10.79
CA ARG B 361 15.64 -1.89 11.21
C ARG B 361 16.74 -2.64 11.91
N ARG B 362 16.37 -3.42 12.93
CA ARG B 362 17.29 -4.42 13.47
C ARG B 362 16.48 -5.62 13.92
N SER B 363 17.06 -6.81 13.81
CA SER B 363 16.36 -8.05 14.17
C SER B 363 17.31 -9.18 14.47
N PRO B 364 17.04 -9.95 15.54
CA PRO B 364 17.81 -11.15 15.84
C PRO B 364 17.41 -12.32 14.96
N LYS B 365 16.39 -12.11 14.11
CA LYS B 365 15.85 -13.12 13.20
C LYS B 365 15.97 -12.63 11.77
N SER B 366 16.86 -11.69 11.53
CA SER B 366 17.02 -11.11 10.20
C SER B 366 17.42 -12.10 9.12
N LEU B 367 16.81 -11.94 7.95
CA LEU B 367 17.22 -12.68 6.77
C LEU B 367 18.12 -11.83 5.90
N TYR B 368 18.34 -10.59 6.30
CA TYR B 368 19.32 -9.76 5.61
C TYR B 368 20.71 -10.28 5.95
N ASP B 369 21.55 -10.44 4.93
CA ASP B 369 22.89 -10.97 5.10
C ASP B 369 23.82 -9.95 4.49
N PHE B 370 24.50 -9.20 5.36
CA PHE B 370 25.39 -8.12 4.93
C PHE B 370 26.43 -8.61 3.92
N ASN B 371 27.08 -9.72 4.22
CA ASN B 371 28.13 -10.20 3.34
C ASN B 371 27.63 -10.64 1.97
N LEU B 372 26.40 -11.15 1.88
CA LEU B 372 25.88 -11.52 0.56
C LEU B 372 25.51 -10.28 -0.24
N ALA B 373 25.12 -9.21 0.45
CA ALA B 373 24.66 -8.00 -0.22
C ALA B 373 25.80 -7.05 -0.57
N THR B 374 26.82 -6.99 0.28
CA THR B 374 27.83 -5.95 0.16
C THR B 374 28.73 -6.10 -1.06
N TYR B 375 29.36 -4.99 -1.44
CA TYR B 375 30.39 -5.01 -2.47
C TYR B 375 31.76 -4.82 -1.86
N ASP B 376 31.81 -4.73 -0.54
CA ASP B 376 33.07 -4.65 0.19
C ASP B 376 33.81 -5.97 0.16
N GLU B 377 34.99 -5.99 0.77
CA GLU B 377 35.88 -7.15 0.75
C GLU B 377 35.24 -8.40 1.33
N GLY B 378 34.26 -8.22 2.22
CA GLY B 378 33.60 -9.35 2.86
C GLY B 378 32.56 -10.06 2.01
N ASP B 379 32.37 -9.57 0.80
CA ASP B 379 31.40 -10.12 -0.16
C ASP B 379 31.50 -11.64 -0.32
N THR B 380 30.40 -12.34 -0.06
CA THR B 380 30.36 -13.79 -0.13
C THR B 380 29.46 -14.29 -1.25
N PHE B 381 28.86 -13.37 -2.00
CA PHE B 381 27.95 -13.78 -3.08
C PHE B 381 28.77 -14.40 -4.20
N ASP B 382 28.42 -15.64 -4.54
CA ASP B 382 29.07 -16.37 -5.63
C ASP B 382 28.44 -16.00 -6.97
N GLN B 383 29.07 -15.07 -7.70
CA GLN B 383 28.46 -14.59 -8.93
C GLN B 383 28.51 -15.61 -10.07
N SER B 384 29.30 -16.67 -9.91
CA SER B 384 29.45 -17.63 -10.98
C SER B 384 28.13 -18.33 -11.26
N ALA B 385 27.20 -18.29 -10.30
CA ALA B 385 25.90 -18.95 -10.44
C ALA B 385 24.92 -18.15 -11.30
N ALA B 386 25.19 -16.86 -11.43
CA ALA B 386 24.22 -15.94 -12.00
C ALA B 386 23.92 -16.18 -13.48
N LYS B 387 24.96 -16.41 -14.29
CA LYS B 387 24.74 -16.59 -15.73
CA LYS B 387 24.75 -16.59 -15.72
C LYS B 387 23.78 -17.74 -15.99
N GLY B 388 24.04 -18.87 -15.34
CA GLY B 388 23.18 -20.03 -15.48
C GLY B 388 21.78 -19.78 -14.96
N PHE B 389 21.68 -19.09 -13.83
CA PHE B 389 20.36 -18.80 -13.29
C PHE B 389 19.56 -18.00 -14.29
N VAL B 390 20.19 -16.97 -14.86
CA VAL B 390 19.48 -16.12 -15.80
C VAL B 390 19.05 -16.91 -17.04
N GLN B 391 19.91 -17.78 -17.54
CA GLN B 391 19.59 -18.58 -18.72
CA GLN B 391 19.59 -18.60 -18.72
C GLN B 391 18.32 -19.42 -18.50
N ILE B 392 18.24 -20.08 -17.35
CA ILE B 392 17.11 -20.96 -17.11
CA ILE B 392 17.12 -20.96 -17.03
C ILE B 392 15.85 -20.19 -16.65
N HIS B 393 16.02 -19.18 -15.81
CA HIS B 393 14.89 -18.33 -15.42
C HIS B 393 14.18 -17.75 -16.66
N GLY B 394 14.95 -17.35 -17.66
CA GLY B 394 14.38 -16.73 -18.84
C GLY B 394 13.98 -17.69 -19.94
N LEU B 395 14.24 -18.99 -19.75
CA LEU B 395 14.14 -19.91 -20.88
C LEU B 395 12.69 -20.12 -21.34
N SER B 396 11.74 -20.33 -20.42
CA SER B 396 10.37 -20.60 -20.87
C SER B 396 9.80 -19.39 -21.62
N SER B 397 10.01 -18.18 -21.11
CA SER B 397 9.52 -17.03 -21.85
C SER B 397 10.30 -16.80 -23.16
N SER B 398 11.57 -17.20 -23.22
CA SER B 398 12.35 -17.08 -24.47
C SER B 398 11.80 -18.02 -25.56
N ILE B 399 11.45 -19.22 -25.15
CA ILE B 399 10.89 -20.20 -26.07
C ILE B 399 9.53 -19.70 -26.57
N SER B 400 8.75 -19.13 -25.68
CA SER B 400 7.46 -18.56 -26.07
C SER B 400 7.66 -17.42 -27.07
N ALA B 401 8.65 -16.56 -26.79
CA ALA B 401 8.95 -15.44 -27.69
C ALA B 401 9.35 -15.92 -29.07
N ARG B 402 10.16 -16.99 -29.09
CA ARG B 402 10.62 -17.57 -30.36
C ARG B 402 9.43 -18.03 -31.19
N ARG B 403 8.47 -18.65 -30.51
CA ARG B 403 7.27 -19.15 -31.19
C ARG B 403 6.44 -17.95 -31.68
N ASP B 404 6.30 -16.94 -30.84
CA ASP B 404 5.57 -15.74 -31.23
C ASP B 404 6.16 -15.16 -32.50
N LEU B 405 7.49 -15.12 -32.58
CA LEU B 405 8.14 -14.43 -33.69
C LEU B 405 8.23 -15.30 -34.93
N GLN B 406 8.00 -16.61 -34.77
CA GLN B 406 8.18 -17.55 -35.88
C GLN B 406 7.14 -17.35 -36.98
#